data_8DQK
#
_entry.id   8DQK
#
_cell.length_a   1.00
_cell.length_b   1.00
_cell.length_c   1.00
_cell.angle_alpha   90.00
_cell.angle_beta   90.00
_cell.angle_gamma   90.00
#
_symmetry.space_group_name_H-M   'P 1'
#
_entity_poly.entity_id   1
_entity_poly.type   'polypeptide(L)'
_entity_poly.pdbx_seq_one_letter_code
;MAPAVAGGGRVRSNEPVAAAAAAPAASGKPCVCGFQVCACTGSAAVASAASSLDMDIVAMGQIGAVNDESWVGVELGEDG
ETDESGAAVDDRPVFRTEKIKGVLLHPYRVLIFVRLIAFTLFVIWRISHKNPDAMWLWVTSICGEFWFGFSWLLDQLPKL
NPINRVPDLAVLRQRFDRPDGTSTLPGLDIFVTTADPIKEPILSTANSVLSILAADYPVDRNTCYVSDDSGMLLTYEALA
ESSKFATLWVPFCRKHGIEPRGPESYFELKSHPYMGRAQDEFVNDRRRVRKEYDEFKARINSLEHDIKQRNDGYNAAIAH
SQGVPRPTWMADGTQWEGTWVDASENHRRGDHAGIVLVLLNHPSHRRQTGPPASADNPLDLSGVDVRLPMLVYVSREKRP
GHDHQKKAGAMNALTRASALLSNSPFILNLDCDHYINNSQALRAGICFMVGRDSDTVAFVQFPQRFEGVDPTDLYANHNR
IFFDGTLRALDGMQGPIYVGTGCLFRRITVYGFDPPRINVGGPCFPRLAGLFAKTKYEKPGLEMTTAKAKAAPVPAKGKH
GFLPLPKKTYGKSDAFVDTIPRASHPSPYAAAAEGIVADEATIVEAVNVTAAAFEKKTGWGKEIGWVYDTVTEDVVTGYR
MHIKGWRSRYCSIYPHAFIGTAPINLTERLFQVLRWSTGSLEIFFSKNNPLFGSTYLHPLQRVAYINITTYPFTAIFLIF
YTTVPALSFVTGHFIVQRPTTMFYVYLGIVLSTLLVIAVLEVKWAGVTVFEWFRNGQFWMTASCSAYLAAVCQVLTKVIF
RRDISFKLTSKLPSGDEKKDPYADLYVVRWTPLMITPIIIIFVNIIGSAVAFAKVLDGEWTHWLKVAGGVFFNFWVLFHL
YPFAKGILGKHGKTPVVVLVWWAFTFVITAVLYINIPHMHTSGGKHTTVHGHHGKKLVDTGLYGWLH
;
_entity_poly.pdbx_strand_id   A
#
# COMPACT_ATOMS: atom_id res chain seq x y z
N ASP A 90 -0.46 -16.79 -31.91
CA ASP A 90 -0.91 -15.49 -32.39
C ASP A 90 0.03 -14.39 -31.91
N ASP A 91 -0.04 -13.23 -32.57
CA ASP A 91 0.76 -12.07 -32.19
C ASP A 91 -0.10 -10.88 -31.78
N ARG A 92 -1.33 -11.13 -31.36
CA ARG A 92 -2.18 -10.04 -30.89
C ARG A 92 -1.57 -9.42 -29.64
N PRO A 93 -1.51 -8.09 -29.56
CA PRO A 93 -0.87 -7.46 -28.39
C PRO A 93 -1.55 -7.85 -27.08
N VAL A 94 -0.71 -8.17 -26.08
CA VAL A 94 -1.20 -8.72 -24.82
C VAL A 94 -1.89 -7.70 -23.94
N PHE A 95 -1.98 -6.45 -24.37
CA PHE A 95 -2.50 -5.37 -23.51
C PHE A 95 -3.56 -4.57 -24.27
N ARG A 96 -4.78 -4.60 -23.77
CA ARG A 96 -5.85 -3.77 -24.30
C ARG A 96 -5.76 -2.37 -23.71
N THR A 97 -5.89 -1.36 -24.57
CA THR A 97 -5.77 0.03 -24.19
C THR A 97 -7.12 0.72 -24.29
N GLU A 98 -7.41 1.58 -23.32
CA GLU A 98 -8.62 2.40 -23.32
C GLU A 98 -8.21 3.85 -23.26
N LYS A 99 -8.64 4.63 -24.24
CA LYS A 99 -8.30 6.05 -24.31
C LYS A 99 -9.47 6.90 -23.84
N ILE A 100 -9.13 8.06 -23.26
CA ILE A 100 -10.15 9.00 -22.84
C ILE A 100 -10.80 9.61 -24.08
N LYS A 101 -12.12 9.78 -24.03
CA LYS A 101 -12.85 10.36 -25.14
C LYS A 101 -12.32 11.76 -25.45
N GLY A 102 -12.23 12.08 -26.75
CA GLY A 102 -11.74 13.38 -27.13
C GLY A 102 -12.59 14.52 -26.60
N VAL A 103 -13.91 14.36 -26.65
CA VAL A 103 -14.84 15.36 -26.14
C VAL A 103 -14.70 15.51 -24.64
N LEU A 104 -13.92 14.66 -23.98
CA LEU A 104 -13.60 14.80 -22.57
C LEU A 104 -12.13 15.13 -22.35
N LEU A 105 -11.24 14.51 -23.12
CA LEU A 105 -9.80 14.74 -22.94
C LEU A 105 -9.41 16.15 -23.37
N HIS A 106 -9.84 16.57 -24.56
CA HIS A 106 -9.49 17.92 -25.03
C HIS A 106 -10.03 19.01 -24.13
N PRO A 107 -11.31 19.00 -23.70
CA PRO A 107 -11.74 19.99 -22.72
C PRO A 107 -10.94 19.93 -21.42
N TYR A 108 -10.54 18.74 -21.01
CA TYR A 108 -9.75 18.60 -19.78
C TYR A 108 -8.42 19.36 -19.90
N ARG A 109 -7.70 19.15 -21.00
CA ARG A 109 -6.39 19.79 -21.14
C ARG A 109 -6.54 21.29 -21.37
N VAL A 110 -7.51 21.71 -22.17
CA VAL A 110 -7.67 23.16 -22.39
C VAL A 110 -8.11 23.84 -21.11
N LEU A 111 -8.87 23.13 -20.26
CA LEU A 111 -9.30 23.70 -18.99
C LEU A 111 -8.16 23.77 -18.00
N ILE A 112 -7.24 22.78 -18.01
CA ILE A 112 -6.03 22.90 -17.20
C ILE A 112 -5.20 24.09 -17.67
N PHE A 113 -5.12 24.29 -18.99
CA PHE A 113 -4.37 25.42 -19.53
C PHE A 113 -4.96 26.74 -19.10
N VAL A 114 -6.29 26.88 -19.19
CA VAL A 114 -6.91 28.13 -18.76
C VAL A 114 -6.81 28.28 -17.24
N ARG A 115 -6.77 27.17 -16.50
CA ARG A 115 -6.55 27.24 -15.06
C ARG A 115 -5.18 27.84 -14.75
N LEU A 116 -4.14 27.37 -15.43
CA LEU A 116 -2.80 27.91 -15.16
C LEU A 116 -2.70 29.36 -15.61
N ILE A 117 -3.32 29.71 -16.74
CA ILE A 117 -3.33 31.10 -17.19
C ILE A 117 -4.06 31.99 -16.18
N ALA A 118 -5.20 31.52 -15.67
CA ALA A 118 -5.97 32.29 -14.69
C ALA A 118 -5.19 32.46 -13.40
N PHE A 119 -4.46 31.42 -12.97
CA PHE A 119 -3.62 31.55 -11.79
C PHE A 119 -2.50 32.55 -12.00
N THR A 120 -1.87 32.54 -13.18
CA THR A 120 -0.83 33.53 -13.44
C THR A 120 -1.41 34.94 -13.40
N LEU A 121 -2.58 35.13 -14.00
CA LEU A 121 -3.24 36.44 -13.93
C LEU A 121 -3.58 36.82 -12.50
N PHE A 122 -4.04 35.85 -11.70
CA PHE A 122 -4.39 36.11 -10.31
C PHE A 122 -3.18 36.53 -9.49
N VAL A 123 -2.06 35.82 -9.65
CA VAL A 123 -0.87 36.16 -8.87
C VAL A 123 -0.32 37.50 -9.33
N ILE A 124 -0.40 37.80 -10.63
CA ILE A 124 0.01 39.12 -11.11
C ILE A 124 -0.85 40.21 -10.49
N TRP A 125 -2.17 39.99 -10.46
CA TRP A 125 -3.08 40.96 -9.87
C TRP A 125 -2.78 41.18 -8.38
N ARG A 126 -2.53 40.09 -7.65
CA ARG A 126 -2.25 40.20 -6.22
C ARG A 126 -0.92 40.91 -5.98
N ILE A 127 0.10 40.62 -6.79
CA ILE A 127 1.39 41.28 -6.63
C ILE A 127 1.27 42.78 -6.93
N SER A 128 0.58 43.14 -8.02
CA SER A 128 0.46 44.54 -8.39
C SER A 128 -0.34 45.32 -7.35
N HIS A 129 -1.44 44.76 -6.86
CA HIS A 129 -2.33 45.43 -5.92
C HIS A 129 -1.89 45.09 -4.49
N LYS A 130 -1.02 45.93 -3.93
CA LYS A 130 -0.55 45.75 -2.57
C LYS A 130 -1.61 46.19 -1.56
N ASN A 131 -1.48 45.69 -0.34
CA ASN A 131 -2.38 46.08 0.74
C ASN A 131 -1.58 46.81 1.81
N PRO A 132 -1.55 48.14 1.79
CA PRO A 132 -0.73 48.87 2.78
C PRO A 132 -1.17 48.66 4.21
N ASP A 133 -2.47 48.43 4.45
CA ASP A 133 -2.96 48.25 5.81
C ASP A 133 -2.43 46.97 6.45
N ALA A 134 -2.25 45.92 5.66
CA ALA A 134 -1.84 44.61 6.16
C ALA A 134 -0.71 44.06 5.30
N MET A 135 0.34 44.88 5.10
CA MET A 135 1.40 44.52 4.16
C MET A 135 2.09 43.22 4.54
N TRP A 136 2.35 42.99 5.83
CA TRP A 136 2.87 41.71 6.26
C TRP A 136 1.88 40.59 5.93
N LEU A 137 0.60 40.81 6.23
CA LEU A 137 -0.42 39.82 5.89
C LEU A 137 -0.55 39.67 4.38
N TRP A 138 -0.38 40.76 3.64
CA TRP A 138 -0.44 40.68 2.17
C TRP A 138 0.69 39.80 1.63
N VAL A 139 1.91 39.99 2.14
CA VAL A 139 3.04 39.18 1.69
C VAL A 139 2.82 37.73 2.05
N THR A 140 2.35 37.47 3.28
CA THR A 140 2.10 36.10 3.70
C THR A 140 1.02 35.46 2.83
N SER A 141 -0.02 36.21 2.49
CA SER A 141 -1.11 35.67 1.69
C SER A 141 -0.65 35.36 0.27
N ILE A 142 0.13 36.25 -0.35
CA ILE A 142 0.57 35.99 -1.71
C ILE A 142 1.54 34.80 -1.73
N CYS A 143 2.40 34.71 -0.72
CA CYS A 143 3.30 33.55 -0.63
C CYS A 143 2.51 32.26 -0.46
N GLY A 144 1.48 32.27 0.39
CA GLY A 144 0.67 31.09 0.59
C GLY A 144 -0.09 30.68 -0.65
N GLU A 145 -0.67 31.64 -1.35
CA GLU A 145 -1.38 31.32 -2.58
C GLU A 145 -0.42 30.82 -3.65
N PHE A 146 0.80 31.38 -3.72
CA PHE A 146 1.78 30.87 -4.66
C PHE A 146 2.14 29.43 -4.34
N TRP A 147 2.33 29.11 -3.05
CA TRP A 147 2.65 27.74 -2.67
C TRP A 147 1.49 26.80 -2.99
N PHE A 148 0.26 27.22 -2.70
CA PHE A 148 -0.90 26.36 -3.00
C PHE A 148 -1.03 26.11 -4.49
N GLY A 149 -0.85 27.14 -5.32
CA GLY A 149 -0.90 26.95 -6.75
C GLY A 149 0.23 26.09 -7.27
N PHE A 150 1.42 26.25 -6.69
CA PHE A 150 2.54 25.40 -7.08
C PHE A 150 2.25 23.93 -6.76
N SER A 151 1.69 23.67 -5.58
CA SER A 151 1.31 22.30 -5.22
C SER A 151 0.23 21.76 -6.15
N TRP A 152 -0.76 22.59 -6.49
CA TRP A 152 -1.80 22.16 -7.41
C TRP A 152 -1.22 21.83 -8.78
N LEU A 153 -0.28 22.65 -9.25
CA LEU A 153 0.40 22.36 -10.51
C LEU A 153 1.16 21.04 -10.44
N LEU A 154 1.89 20.82 -9.33
CA LEU A 154 2.60 19.56 -9.16
C LEU A 154 1.66 18.37 -9.18
N ASP A 155 0.46 18.53 -8.61
CA ASP A 155 -0.48 17.42 -8.52
C ASP A 155 -1.23 17.18 -9.83
N GLN A 156 -1.48 18.22 -10.61
CA GLN A 156 -2.34 18.11 -11.79
C GLN A 156 -1.57 17.99 -13.10
N LEU A 157 -0.30 18.41 -13.13
CA LEU A 157 0.47 18.34 -14.36
C LEU A 157 0.66 16.90 -14.86
N PRO A 158 1.00 15.92 -14.03
CA PRO A 158 1.17 14.55 -14.54
C PRO A 158 -0.13 13.76 -14.66
N LYS A 159 -1.28 14.37 -14.37
CA LYS A 159 -2.57 13.72 -14.57
C LYS A 159 -3.25 14.15 -15.86
N LEU A 160 -2.50 14.76 -16.78
CA LEU A 160 -3.10 15.34 -17.97
C LEU A 160 -3.56 14.28 -18.97
N ASN A 161 -2.84 13.16 -19.07
CA ASN A 161 -3.07 12.17 -20.12
C ASN A 161 -3.21 10.73 -19.59
N PRO A 162 -4.25 10.46 -18.78
CA PRO A 162 -4.46 9.08 -18.31
C PRO A 162 -4.90 8.17 -19.44
N ILE A 163 -4.31 6.97 -19.48
CA ILE A 163 -4.69 5.92 -20.42
C ILE A 163 -4.90 4.64 -19.61
N ASN A 164 -6.04 3.97 -19.82
CA ASN A 164 -6.35 2.76 -19.08
C ASN A 164 -5.73 1.55 -19.77
N ARG A 165 -5.23 0.62 -18.95
CA ARG A 165 -4.52 -0.55 -19.44
C ARG A 165 -5.11 -1.79 -18.79
N VAL A 166 -5.51 -2.76 -19.61
CA VAL A 166 -6.00 -4.04 -19.06
C VAL A 166 -5.30 -5.20 -19.76
N PRO A 167 -5.11 -6.33 -19.09
CA PRO A 167 -4.49 -7.48 -19.72
C PRO A 167 -5.52 -8.41 -20.36
N ASP A 168 -5.01 -9.46 -20.99
CA ASP A 168 -5.83 -10.55 -21.53
C ASP A 168 -5.08 -11.87 -21.35
N LEU A 169 -5.82 -12.97 -21.34
CA LEU A 169 -5.25 -14.27 -21.01
C LEU A 169 -5.26 -15.26 -22.17
N ALA A 170 -6.12 -15.07 -23.17
CA ALA A 170 -6.20 -16.02 -24.28
C ALA A 170 -4.90 -16.04 -25.07
N VAL A 171 -4.31 -14.86 -25.30
CA VAL A 171 -3.06 -14.78 -26.06
C VAL A 171 -1.93 -15.50 -25.33
N LEU A 172 -1.83 -15.33 -24.01
CA LEU A 172 -0.83 -16.05 -23.24
C LEU A 172 -1.10 -17.56 -23.29
N ARG A 173 -2.36 -17.95 -23.16
CA ARG A 173 -2.68 -19.37 -23.11
C ARG A 173 -2.47 -20.05 -24.46
N GLN A 174 -2.48 -19.29 -25.56
CA GLN A 174 -2.19 -19.91 -26.84
C GLN A 174 -0.70 -19.87 -27.15
N ARG A 175 0.00 -18.81 -26.72
CA ARG A 175 1.40 -18.67 -27.10
C ARG A 175 2.32 -19.42 -26.16
N PHE A 176 2.23 -19.17 -24.85
CA PHE A 176 3.17 -19.72 -23.90
C PHE A 176 2.69 -21.01 -23.23
N ASP A 177 1.42 -21.35 -23.36
CA ASP A 177 0.93 -22.60 -22.81
C ASP A 177 0.87 -23.66 -23.91
N ARG A 178 1.32 -24.87 -23.58
CA ARG A 178 1.39 -25.96 -24.53
C ARG A 178 0.38 -27.05 -24.17
N PRO A 179 -0.36 -27.56 -25.17
CA PRO A 179 -1.41 -28.55 -24.87
C PRO A 179 -0.87 -29.86 -24.31
N ASP A 180 0.41 -30.16 -24.48
CA ASP A 180 0.98 -31.42 -24.02
C ASP A 180 1.20 -31.47 -22.51
N GLY A 181 0.71 -30.48 -21.77
CA GLY A 181 0.88 -30.42 -20.34
C GLY A 181 2.11 -29.67 -19.88
N THR A 182 3.02 -29.31 -20.79
CA THR A 182 4.21 -28.55 -20.47
C THR A 182 3.96 -27.06 -20.69
N SER A 183 4.99 -26.26 -20.46
CA SER A 183 4.89 -24.82 -20.64
C SER A 183 6.28 -24.25 -20.88
N THR A 184 6.31 -23.05 -21.45
CA THR A 184 7.55 -22.32 -21.70
C THR A 184 7.67 -21.07 -20.84
N LEU A 185 6.84 -20.94 -19.81
CA LEU A 185 6.89 -19.78 -18.94
C LEU A 185 8.21 -19.74 -18.16
N PRO A 186 8.68 -18.56 -17.79
CA PRO A 186 9.87 -18.46 -16.94
C PRO A 186 9.52 -18.69 -15.47
N GLY A 187 10.55 -18.53 -14.64
CA GLY A 187 10.37 -18.69 -13.21
C GLY A 187 9.82 -17.43 -12.56
N LEU A 188 9.54 -17.57 -11.26
CA LEU A 188 9.00 -16.46 -10.49
C LEU A 188 9.19 -16.76 -9.01
N ASP A 189 9.56 -15.74 -8.24
CA ASP A 189 9.68 -15.85 -6.79
C ASP A 189 8.56 -15.07 -6.12
N ILE A 190 8.02 -15.62 -5.03
CA ILE A 190 6.95 -14.98 -4.27
C ILE A 190 7.43 -14.83 -2.82
N PHE A 191 7.45 -13.59 -2.35
CA PHE A 191 7.85 -13.27 -0.98
C PHE A 191 6.62 -12.99 -0.13
N VAL A 192 6.59 -13.55 1.07
CA VAL A 192 5.58 -13.24 2.07
C VAL A 192 6.30 -12.78 3.32
N THR A 193 6.11 -11.51 3.70
CA THR A 193 6.86 -10.92 4.81
C THR A 193 5.93 -10.75 6.01
N THR A 194 6.37 -11.21 7.17
CA THR A 194 5.65 -11.01 8.42
C THR A 194 6.64 -10.59 9.50
N ALA A 195 6.17 -9.76 10.43
CA ALA A 195 7.00 -9.16 11.46
C ALA A 195 6.97 -9.89 12.79
N ASP A 196 5.78 -10.16 13.33
CA ASP A 196 5.69 -10.74 14.66
C ASP A 196 4.37 -11.48 14.83
N PRO A 197 4.39 -12.72 15.32
CA PRO A 197 3.16 -13.52 15.32
C PRO A 197 2.06 -12.99 16.23
N ILE A 198 2.39 -12.25 17.31
CA ILE A 198 1.35 -11.86 18.24
C ILE A 198 0.72 -10.50 17.92
N LYS A 199 1.41 -9.62 17.20
CA LYS A 199 0.73 -8.40 16.79
C LYS A 199 -0.03 -8.56 15.48
N GLU A 200 0.50 -9.34 14.54
CA GLU A 200 -0.20 -9.57 13.29
C GLU A 200 -0.81 -10.97 13.29
N PRO A 201 -2.03 -11.12 12.79
CA PRO A 201 -2.71 -12.42 12.88
C PRO A 201 -2.04 -13.47 12.00
N ILE A 202 -1.64 -14.57 12.65
CA ILE A 202 -1.04 -15.67 11.90
C ILE A 202 -2.06 -16.30 10.95
N LEU A 203 -3.35 -16.08 11.19
CA LEU A 203 -4.37 -16.55 10.27
C LEU A 203 -4.25 -15.86 8.92
N SER A 204 -3.91 -14.57 8.92
CA SER A 204 -3.68 -13.87 7.66
C SER A 204 -2.50 -14.47 6.90
N THR A 205 -1.42 -14.79 7.61
CA THR A 205 -0.28 -15.43 6.96
C THR A 205 -0.66 -16.80 6.41
N ALA A 206 -1.45 -17.57 7.16
CA ALA A 206 -1.90 -18.87 6.68
C ALA A 206 -2.75 -18.73 5.43
N ASN A 207 -3.67 -17.76 5.41
CA ASN A 207 -4.48 -17.52 4.23
C ASN A 207 -3.62 -17.12 3.04
N SER A 208 -2.64 -16.24 3.27
CA SER A 208 -1.76 -15.82 2.18
C SER A 208 -0.96 -16.98 1.61
N VAL A 209 -0.41 -17.83 2.47
CA VAL A 209 0.42 -18.93 1.98
C VAL A 209 -0.43 -19.99 1.30
N LEU A 210 -1.67 -20.21 1.79
CA LEU A 210 -2.55 -21.14 1.11
C LEU A 210 -3.03 -20.58 -0.22
N SER A 211 -3.12 -19.25 -0.34
CA SER A 211 -3.52 -18.65 -1.61
C SER A 211 -2.38 -18.71 -2.63
N ILE A 212 -1.15 -18.47 -2.18
CA ILE A 212 -0.02 -18.50 -3.11
C ILE A 212 0.36 -19.93 -3.48
N LEU A 213 0.13 -20.88 -2.56
CA LEU A 213 0.43 -22.28 -2.87
C LEU A 213 -0.59 -22.87 -3.83
N ALA A 214 -1.82 -22.34 -3.82
CA ALA A 214 -2.88 -22.81 -4.71
C ALA A 214 -3.03 -21.96 -5.95
N ALA A 215 -2.08 -21.05 -6.20
CA ALA A 215 -2.15 -20.20 -7.37
C ALA A 215 -2.00 -21.01 -8.65
N ASP A 216 -2.60 -20.51 -9.73
CA ASP A 216 -2.60 -21.19 -11.02
C ASP A 216 -1.35 -20.77 -11.80
N TYR A 217 -0.23 -21.34 -11.38
CA TYR A 217 1.07 -21.08 -11.99
C TYR A 217 1.82 -22.39 -12.09
N PRO A 218 2.77 -22.49 -13.02
CA PRO A 218 3.61 -23.70 -13.09
C PRO A 218 4.26 -24.00 -11.74
N VAL A 219 4.19 -25.28 -11.35
CA VAL A 219 4.62 -25.67 -10.01
C VAL A 219 6.13 -25.58 -9.88
N ASP A 220 6.86 -26.08 -10.87
CA ASP A 220 8.32 -26.20 -10.78
C ASP A 220 9.05 -24.87 -10.89
N ARG A 221 8.36 -23.79 -11.28
CA ARG A 221 9.01 -22.50 -11.47
C ARG A 221 8.59 -21.44 -10.48
N ASN A 222 7.52 -21.65 -9.73
CA ASN A 222 7.08 -20.69 -8.71
C ASN A 222 7.71 -21.08 -7.37
N THR A 223 8.62 -20.25 -6.89
CA THR A 223 9.39 -20.53 -5.68
C THR A 223 8.96 -19.56 -4.59
N CYS A 224 8.62 -20.09 -3.43
CA CYS A 224 8.05 -19.31 -2.34
C CYS A 224 9.06 -19.11 -1.22
N TYR A 225 9.13 -17.88 -0.70
CA TYR A 225 9.94 -17.53 0.44
C TYR A 225 9.08 -16.79 1.45
N VAL A 226 9.24 -17.14 2.73
CA VAL A 226 8.49 -16.53 3.82
C VAL A 226 9.49 -15.97 4.81
N SER A 227 9.50 -14.64 4.96
CA SER A 227 10.38 -13.97 5.91
C SER A 227 9.60 -13.72 7.20
N ASP A 228 9.75 -14.63 8.14
CA ASP A 228 9.23 -14.46 9.50
C ASP A 228 10.33 -13.77 10.31
N ASP A 229 10.23 -12.45 10.41
CA ASP A 229 11.27 -11.66 11.08
C ASP A 229 11.44 -12.06 12.53
N SER A 230 10.38 -12.53 13.18
CA SER A 230 10.49 -12.96 14.58
C SER A 230 11.20 -14.31 14.70
N GLY A 231 11.09 -15.16 13.68
CA GLY A 231 11.67 -16.49 13.77
C GLY A 231 11.00 -17.38 14.80
N MET A 232 9.68 -17.56 14.68
CA MET A 232 8.92 -18.37 15.62
C MET A 232 8.54 -19.71 15.01
N LEU A 233 8.50 -20.73 15.87
CA LEU A 233 8.14 -22.08 15.43
C LEU A 233 6.65 -22.22 15.16
N LEU A 234 5.82 -21.31 15.69
CA LEU A 234 4.41 -21.31 15.34
C LEU A 234 4.22 -21.17 13.84
N THR A 235 4.88 -20.17 13.23
CA THR A 235 4.81 -20.00 11.79
C THR A 235 5.44 -21.17 11.04
N TYR A 236 6.55 -21.70 11.57
CA TYR A 236 7.22 -22.82 10.92
C TYR A 236 6.30 -24.03 10.82
N GLU A 237 5.67 -24.41 11.93
CA GLU A 237 4.78 -25.56 11.90
C GLU A 237 3.46 -25.26 11.21
N ALA A 238 3.01 -24.00 11.21
CA ALA A 238 1.85 -23.64 10.39
C ALA A 238 2.15 -23.88 8.92
N LEU A 239 3.32 -23.45 8.45
CA LEU A 239 3.71 -23.69 7.06
C LEU A 239 3.92 -25.17 6.79
N ALA A 240 4.48 -25.92 7.73
CA ALA A 240 4.68 -27.35 7.53
C ALA A 240 3.35 -28.09 7.40
N GLU A 241 2.41 -27.79 8.31
CA GLU A 241 1.09 -28.41 8.23
C GLU A 241 0.33 -27.97 6.99
N SER A 242 0.54 -26.72 6.55
CA SER A 242 -0.06 -26.28 5.30
C SER A 242 0.52 -27.05 4.13
N SER A 243 1.81 -27.36 4.17
CA SER A 243 2.41 -28.19 3.13
C SER A 243 1.82 -29.59 3.15
N LYS A 244 1.58 -30.15 4.34
CA LYS A 244 0.93 -31.47 4.41
C LYS A 244 -0.48 -31.42 3.85
N PHE A 245 -1.23 -30.35 4.17
CA PHE A 245 -2.63 -30.20 3.79
C PHE A 245 -2.78 -29.79 2.32
N ALA A 246 -1.71 -29.28 1.70
CA ALA A 246 -1.80 -28.81 0.33
C ALA A 246 -2.07 -29.94 -0.65
N THR A 247 -1.56 -31.14 -0.36
CA THR A 247 -1.74 -32.28 -1.26
C THR A 247 -3.20 -32.58 -1.54
N LEU A 248 -4.11 -32.21 -0.64
CA LEU A 248 -5.54 -32.34 -0.88
C LEU A 248 -6.24 -31.01 -1.07
N TRP A 249 -5.65 -29.90 -0.61
CA TRP A 249 -6.29 -28.60 -0.81
C TRP A 249 -6.09 -28.09 -2.23
N VAL A 250 -4.83 -28.04 -2.69
CA VAL A 250 -4.54 -27.43 -3.99
C VAL A 250 -5.22 -28.15 -5.15
N PRO A 251 -5.22 -29.49 -5.24
CA PRO A 251 -5.95 -30.12 -6.36
C PRO A 251 -7.42 -29.76 -6.39
N PHE A 252 -8.06 -29.64 -5.23
CA PHE A 252 -9.46 -29.19 -5.18
C PHE A 252 -9.61 -27.80 -5.79
N CYS A 253 -8.75 -26.87 -5.38
CA CYS A 253 -8.82 -25.50 -5.88
C CYS A 253 -8.59 -25.45 -7.38
N ARG A 254 -7.63 -26.22 -7.88
CA ARG A 254 -7.36 -26.23 -9.31
C ARG A 254 -8.52 -26.83 -10.10
N LYS A 255 -9.12 -27.92 -9.59
CA LYS A 255 -10.11 -28.64 -10.38
C LYS A 255 -11.47 -27.95 -10.37
N HIS A 256 -11.91 -27.42 -9.22
CA HIS A 256 -13.27 -26.92 -9.09
C HIS A 256 -13.36 -25.40 -9.19
N GLY A 257 -12.29 -24.74 -9.59
CA GLY A 257 -12.34 -23.31 -9.84
C GLY A 257 -12.72 -22.46 -8.64
N ILE A 258 -12.17 -22.80 -7.48
CA ILE A 258 -12.38 -22.00 -6.27
C ILE A 258 -11.66 -20.67 -6.41
N GLU A 259 -12.40 -19.58 -6.23
CA GLU A 259 -11.87 -18.23 -6.32
C GLU A 259 -12.70 -17.38 -5.36
N PRO A 260 -12.06 -16.64 -4.44
CA PRO A 260 -10.61 -16.51 -4.22
C PRO A 260 -9.98 -17.74 -3.59
N ARG A 261 -8.66 -17.89 -3.71
CA ARG A 261 -7.96 -19.02 -3.12
C ARG A 261 -7.94 -18.97 -1.59
N GLY A 262 -8.25 -17.83 -0.99
CA GLY A 262 -8.32 -17.72 0.44
C GLY A 262 -9.38 -18.62 1.04
N PRO A 263 -8.98 -19.48 1.98
CA PRO A 263 -9.97 -20.43 2.56
C PRO A 263 -11.11 -19.75 3.28
N GLU A 264 -10.81 -18.88 4.25
CA GLU A 264 -11.88 -18.24 5.01
C GLU A 264 -12.68 -17.28 4.15
N SER A 265 -12.03 -16.63 3.18
CA SER A 265 -12.75 -15.77 2.24
C SER A 265 -13.72 -16.58 1.39
N TYR A 266 -13.30 -17.78 0.98
CA TYR A 266 -14.19 -18.65 0.21
C TYR A 266 -15.35 -19.15 1.06
N PHE A 267 -15.07 -19.60 2.27
CA PHE A 267 -16.13 -20.11 3.15
C PHE A 267 -17.03 -19.00 3.68
N GLU A 268 -16.61 -17.75 3.57
CA GLU A 268 -17.45 -16.62 3.95
C GLU A 268 -18.32 -16.10 2.81
N LEU A 269 -18.14 -16.65 1.60
CA LEU A 269 -18.88 -16.18 0.44
C LEU A 269 -20.28 -16.77 0.48
N LYS A 270 -21.28 -15.91 0.73
CA LYS A 270 -22.65 -16.39 0.95
C LYS A 270 -23.24 -16.97 -0.33
N SER A 271 -23.00 -16.33 -1.48
CA SER A 271 -23.69 -16.69 -2.71
C SER A 271 -22.95 -17.80 -3.48
N HIS A 272 -21.67 -17.58 -3.77
CA HIS A 272 -20.79 -18.48 -4.51
C HIS A 272 -21.20 -18.54 -5.98
N PRO A 273 -20.24 -18.57 -6.91
CA PRO A 273 -20.60 -18.62 -8.33
C PRO A 273 -21.13 -19.96 -8.81
N TYR A 274 -21.30 -20.93 -7.91
CA TYR A 274 -21.80 -22.26 -8.25
C TYR A 274 -20.94 -22.93 -9.31
N MET A 275 -19.62 -22.76 -9.17
CA MET A 275 -18.66 -23.42 -10.05
C MET A 275 -18.38 -24.82 -9.53
N GLY A 276 -17.73 -25.66 -10.34
CA GLY A 276 -17.45 -27.03 -9.94
C GLY A 276 -17.91 -28.06 -10.95
N ARG A 277 -17.03 -29.01 -11.28
CA ARG A 277 -17.35 -30.02 -12.28
C ARG A 277 -18.43 -30.98 -11.82
N ALA A 278 -18.67 -31.07 -10.51
CA ALA A 278 -19.72 -31.92 -9.95
C ALA A 278 -20.74 -31.06 -9.22
N GLN A 279 -21.87 -31.68 -8.87
CA GLN A 279 -22.87 -31.01 -8.05
C GLN A 279 -22.99 -31.77 -6.74
N ASP A 280 -23.35 -33.06 -6.77
CA ASP A 280 -23.50 -33.82 -5.53
C ASP A 280 -22.15 -34.11 -4.88
N GLU A 281 -21.18 -34.56 -5.67
CA GLU A 281 -19.84 -34.75 -5.16
C GLU A 281 -19.24 -33.43 -4.70
N PHE A 282 -19.56 -32.34 -5.41
CA PHE A 282 -19.03 -31.03 -5.04
C PHE A 282 -19.58 -30.56 -3.70
N VAL A 283 -20.88 -30.73 -3.46
CA VAL A 283 -21.45 -30.29 -2.18
C VAL A 283 -20.99 -31.21 -1.04
N ASN A 284 -20.87 -32.51 -1.31
CA ASN A 284 -20.33 -33.41 -0.30
C ASN A 284 -18.91 -33.02 0.06
N ASP A 285 -18.09 -32.69 -0.95
CA ASP A 285 -16.75 -32.19 -0.71
C ASP A 285 -16.78 -30.88 0.08
N ARG A 286 -17.72 -30.01 -0.25
CA ARG A 286 -17.84 -28.74 0.49
C ARG A 286 -18.05 -28.99 1.97
N ARG A 287 -19.00 -29.89 2.31
CA ARG A 287 -19.28 -30.12 3.73
C ARG A 287 -18.12 -30.85 4.41
N ARG A 288 -17.51 -31.83 3.75
CA ARG A 288 -16.41 -32.54 4.39
C ARG A 288 -15.19 -31.65 4.59
N VAL A 289 -14.89 -30.79 3.61
CA VAL A 289 -13.81 -29.84 3.77
C VAL A 289 -14.16 -28.79 4.83
N ARG A 290 -15.46 -28.47 4.97
CA ARG A 290 -15.87 -27.60 6.08
C ARG A 290 -15.50 -28.22 7.42
N LYS A 291 -15.86 -29.49 7.63
CA LYS A 291 -15.51 -30.13 8.91
C LYS A 291 -14.01 -30.26 9.08
N GLU A 292 -13.29 -30.65 8.02
CA GLU A 292 -11.85 -30.85 8.13
C GLU A 292 -11.13 -29.52 8.37
N TYR A 293 -11.59 -28.44 7.75
CA TYR A 293 -10.97 -27.15 7.98
C TYR A 293 -11.33 -26.59 9.34
N ASP A 294 -12.50 -26.95 9.88
CA ASP A 294 -12.82 -26.56 11.24
C ASP A 294 -11.89 -27.25 12.25
N GLU A 295 -11.68 -28.56 12.09
CA GLU A 295 -10.74 -29.23 12.99
C GLU A 295 -9.31 -28.75 12.74
N PHE A 296 -9.00 -28.37 11.51
CA PHE A 296 -7.70 -27.78 11.19
C PHE A 296 -7.51 -26.44 11.90
N LYS A 297 -8.56 -25.62 11.93
CA LYS A 297 -8.54 -24.36 12.67
C LYS A 297 -8.36 -24.62 14.16
N ALA A 298 -9.04 -25.64 14.68
CA ALA A 298 -8.87 -26.00 16.09
C ALA A 298 -7.43 -26.41 16.38
N ARG A 299 -6.82 -27.17 15.47
CA ARG A 299 -5.41 -27.54 15.64
C ARG A 299 -4.53 -26.29 15.62
N ILE A 300 -4.84 -25.35 14.72
CA ILE A 300 -4.11 -24.07 14.68
C ILE A 300 -4.20 -23.37 16.03
N ASN A 301 -5.39 -23.30 16.60
CA ASN A 301 -5.58 -22.58 17.85
C ASN A 301 -5.01 -23.32 19.05
N SER A 302 -4.82 -24.64 18.96
CA SER A 302 -4.18 -25.41 20.01
C SER A 302 -2.70 -25.67 19.74
N LEU A 303 -2.16 -25.13 18.65
CA LEU A 303 -0.77 -25.39 18.29
C LEU A 303 0.20 -24.89 19.36
N GLU A 304 -0.05 -23.71 19.93
CA GLU A 304 0.86 -23.20 20.95
C GLU A 304 0.83 -24.08 22.19
N HIS A 305 -0.35 -24.56 22.58
CA HIS A 305 -0.46 -25.51 23.68
C HIS A 305 0.33 -26.78 23.39
N ASP A 306 0.18 -27.30 22.17
CA ASP A 306 0.88 -28.53 21.80
C ASP A 306 2.39 -28.33 21.83
N ILE A 307 2.88 -27.22 21.28
CA ILE A 307 4.33 -27.01 21.20
C ILE A 307 4.90 -26.76 22.59
N LYS A 308 4.18 -26.05 23.46
CA LYS A 308 4.73 -25.83 24.79
C LYS A 308 4.74 -27.11 25.61
N GLN A 309 3.71 -27.95 25.47
CA GLN A 309 3.74 -29.26 26.13
C GLN A 309 4.88 -30.12 25.59
N ARG A 310 5.10 -30.10 24.28
CA ARG A 310 6.20 -30.86 23.68
C ARG A 310 7.55 -30.38 24.18
N ASN A 311 7.74 -29.05 24.23
CA ASN A 311 9.00 -28.50 24.74
C ASN A 311 9.21 -28.87 26.19
N ASP A 312 8.16 -28.78 27.02
CA ASP A 312 8.28 -29.19 28.41
C ASP A 312 8.65 -30.66 28.52
N GLY A 313 8.02 -31.51 27.71
CA GLY A 313 8.29 -32.93 27.78
C GLY A 313 9.73 -33.26 27.41
N TYR A 314 10.24 -32.65 26.34
CA TYR A 314 11.62 -32.92 25.95
C TYR A 314 12.62 -32.31 26.92
N ASN A 315 12.32 -31.13 27.46
CA ASN A 315 13.26 -30.45 28.34
C ASN A 315 13.21 -30.93 29.79
N ALA A 316 12.20 -31.71 30.16
CA ALA A 316 12.14 -32.25 31.51
C ALA A 316 13.21 -33.32 31.71
N PRO A 325 17.78 -21.47 28.98
CA PRO A 325 18.16 -21.88 27.63
C PRO A 325 17.33 -23.05 27.12
N ARG A 326 16.01 -22.95 27.23
CA ARG A 326 15.11 -24.00 26.76
C ARG A 326 14.90 -23.86 25.25
N PRO A 327 15.32 -24.83 24.45
CA PRO A 327 15.17 -24.71 23.00
C PRO A 327 13.77 -25.11 22.55
N THR A 328 13.50 -24.83 21.28
CA THR A 328 12.25 -25.27 20.64
C THR A 328 12.57 -26.49 19.80
N TRP A 329 12.47 -27.66 20.43
CA TRP A 329 12.90 -28.91 19.81
C TRP A 329 12.09 -29.19 18.54
N MET A 330 12.78 -29.46 17.44
CA MET A 330 12.08 -29.84 16.23
C MET A 330 11.55 -31.26 16.32
N ALA A 331 10.75 -31.64 15.33
CA ALA A 331 10.08 -32.94 15.34
C ALA A 331 11.04 -34.11 15.29
N ASP A 332 12.23 -33.92 14.73
CA ASP A 332 13.22 -35.00 14.64
C ASP A 332 14.15 -35.05 15.85
N GLY A 333 13.92 -34.21 16.86
CA GLY A 333 14.72 -34.22 18.07
C GLY A 333 15.99 -33.41 18.02
N THR A 334 16.20 -32.63 16.97
CA THR A 334 17.38 -31.78 16.85
C THR A 334 17.19 -30.46 17.59
N GLN A 335 18.23 -29.65 17.62
CA GLN A 335 18.31 -28.48 18.48
C GLN A 335 18.11 -27.21 17.65
N TRP A 336 17.08 -26.44 17.98
CA TRP A 336 16.81 -25.20 17.27
C TRP A 336 17.83 -24.14 17.68
N GLU A 337 18.66 -23.71 16.74
CA GLU A 337 19.76 -22.80 17.02
C GLU A 337 19.38 -21.34 16.90
N GLY A 338 18.12 -21.02 16.62
CA GLY A 338 17.73 -19.65 16.40
C GLY A 338 17.24 -18.93 17.64
N THR A 339 16.10 -18.26 17.53
CA THR A 339 15.59 -17.42 18.61
C THR A 339 14.89 -18.29 19.66
N TRP A 340 15.56 -18.50 20.79
CA TRP A 340 14.98 -19.21 21.92
C TRP A 340 14.07 -18.28 22.72
N VAL A 341 12.99 -18.87 23.27
CA VAL A 341 12.11 -18.10 24.14
C VAL A 341 12.84 -17.71 25.41
N ASP A 342 13.73 -18.56 25.90
CA ASP A 342 14.60 -18.26 27.04
C ASP A 342 15.93 -17.78 26.48
N ALA A 343 16.29 -16.54 26.78
CA ALA A 343 17.44 -15.93 26.13
C ALA A 343 18.68 -15.99 27.01
N SER A 344 19.83 -15.98 26.37
CA SER A 344 21.13 -15.97 27.04
C SER A 344 22.14 -15.29 26.14
N GLU A 345 23.42 -15.42 26.49
CA GLU A 345 24.51 -14.72 25.84
C GLU A 345 24.49 -14.84 24.33
N ASN A 346 24.32 -16.06 23.82
CA ASN A 346 24.46 -16.33 22.39
C ASN A 346 23.10 -16.49 21.70
N HIS A 347 22.00 -16.40 22.45
CA HIS A 347 20.68 -16.68 21.89
C HIS A 347 19.66 -15.63 22.33
N ARG A 348 20.15 -14.47 22.76
CA ARG A 348 19.27 -13.34 23.05
C ARG A 348 18.74 -12.77 21.74
N ARG A 349 17.53 -12.22 21.81
CA ARG A 349 16.83 -11.67 20.65
C ARG A 349 17.68 -10.67 19.87
N GLY A 350 18.04 -11.02 18.64
CA GLY A 350 18.97 -10.25 17.84
C GLY A 350 20.36 -10.80 17.79
N ASP A 351 20.59 -12.02 18.29
CA ASP A 351 21.90 -12.66 18.23
C ASP A 351 21.68 -14.13 17.86
N HIS A 352 21.73 -14.42 16.57
CA HIS A 352 21.54 -15.78 16.07
C HIS A 352 22.37 -15.93 14.81
N ALA A 353 22.30 -17.13 14.22
CA ALA A 353 23.01 -17.42 12.99
C ALA A 353 22.02 -17.56 11.83
N GLY A 354 22.57 -17.86 10.65
CA GLY A 354 21.73 -18.04 9.49
C GLY A 354 21.38 -19.50 9.25
N ILE A 355 20.11 -19.73 8.90
CA ILE A 355 19.57 -21.06 8.70
C ILE A 355 18.86 -21.10 7.35
N VAL A 356 19.10 -22.15 6.58
CA VAL A 356 18.43 -22.39 5.31
C VAL A 356 17.86 -23.80 5.34
N LEU A 357 16.53 -23.92 5.34
CA LEU A 357 15.85 -25.20 5.37
C LEU A 357 14.75 -25.22 4.32
N VAL A 358 14.63 -26.34 3.62
CA VAL A 358 13.64 -26.52 2.56
C VAL A 358 12.55 -27.41 3.12
N LEU A 359 11.42 -26.81 3.49
CA LEU A 359 10.29 -27.59 3.99
C LEU A 359 9.71 -28.48 2.89
N LEU A 360 9.57 -27.95 1.69
CA LEU A 360 9.00 -28.68 0.56
C LEU A 360 9.95 -28.53 -0.62
N ASN A 361 10.56 -29.65 -1.02
CA ASN A 361 11.66 -29.70 -1.97
C ASN A 361 11.10 -29.61 -3.40
N HIS A 362 12.00 -29.66 -4.37
CA HIS A 362 11.63 -29.45 -5.78
C HIS A 362 10.71 -30.56 -6.26
N PRO A 363 9.57 -30.23 -6.86
CA PRO A 363 8.72 -31.27 -7.45
C PRO A 363 9.36 -31.87 -8.68
N SER A 364 8.97 -33.11 -8.98
CA SER A 364 9.48 -33.79 -10.16
C SER A 364 9.01 -33.09 -11.42
N HIS A 365 9.87 -33.09 -12.44
CA HIS A 365 9.51 -32.45 -13.71
C HIS A 365 8.37 -33.18 -14.40
N ARG A 366 8.19 -34.46 -14.10
CA ARG A 366 7.15 -35.25 -14.74
C ARG A 366 5.81 -35.03 -14.02
N ARG A 367 4.74 -34.94 -14.81
CA ARG A 367 3.42 -34.70 -14.25
C ARG A 367 2.94 -35.90 -13.42
N GLN A 368 2.46 -35.63 -12.22
CA GLN A 368 2.10 -36.66 -11.26
C GLN A 368 0.58 -36.79 -11.19
N THR A 369 0.09 -38.02 -11.26
CA THR A 369 -1.32 -38.31 -11.11
C THR A 369 -1.60 -38.86 -9.72
N GLY A 370 -2.79 -38.59 -9.20
CA GLY A 370 -3.14 -38.98 -7.86
C GLY A 370 -3.60 -40.42 -7.77
N PRO A 371 -3.98 -40.83 -6.55
CA PRO A 371 -4.46 -42.19 -6.36
C PRO A 371 -5.80 -42.40 -7.04
N PRO A 372 -6.12 -43.64 -7.43
CA PRO A 372 -7.43 -43.89 -8.07
C PRO A 372 -8.57 -43.86 -7.06
N ALA A 373 -9.78 -44.18 -7.51
CA ALA A 373 -10.96 -44.18 -6.66
C ALA A 373 -10.78 -45.15 -5.49
N SER A 374 -11.00 -44.66 -4.27
CA SER A 374 -10.86 -45.47 -3.07
C SER A 374 -11.87 -44.97 -2.03
N ALA A 375 -11.70 -45.43 -0.80
CA ALA A 375 -12.64 -45.08 0.26
C ALA A 375 -12.14 -43.87 1.06
N ASP A 376 -10.88 -43.94 1.52
CA ASP A 376 -10.32 -42.83 2.31
C ASP A 376 -10.21 -41.56 1.48
N ASN A 377 -9.86 -41.70 0.20
CA ASN A 377 -9.72 -40.56 -0.72
C ASN A 377 -10.58 -40.83 -1.94
N PRO A 378 -11.91 -40.70 -1.81
CA PRO A 378 -12.79 -40.93 -2.96
C PRO A 378 -12.65 -39.86 -4.04
N LEU A 379 -11.99 -38.74 -3.75
CA LEU A 379 -11.80 -37.66 -4.70
C LEU A 379 -11.11 -38.13 -5.97
N ASP A 380 -11.77 -37.98 -7.11
CA ASP A 380 -11.22 -38.45 -8.38
C ASP A 380 -10.13 -37.51 -8.85
N LEU A 381 -8.90 -38.02 -8.96
CA LEU A 381 -7.74 -37.22 -9.31
C LEU A 381 -7.07 -37.71 -10.59
N SER A 382 -7.84 -38.31 -11.51
CA SER A 382 -7.24 -38.87 -12.73
C SER A 382 -6.61 -37.78 -13.60
N GLY A 383 -7.33 -36.67 -13.79
CA GLY A 383 -6.89 -35.61 -14.67
C GLY A 383 -6.38 -34.36 -13.98
N VAL A 384 -6.05 -34.42 -12.70
CA VAL A 384 -5.63 -33.25 -11.93
C VAL A 384 -4.18 -33.43 -11.49
N ASP A 385 -3.35 -32.44 -11.77
CA ASP A 385 -1.97 -32.47 -11.31
C ASP A 385 -1.91 -32.23 -9.80
N VAL A 386 -1.01 -32.94 -9.13
CA VAL A 386 -0.87 -32.86 -7.68
C VAL A 386 0.55 -32.47 -7.27
N ARG A 387 1.28 -31.77 -8.13
CA ARG A 387 2.64 -31.39 -7.81
C ARG A 387 2.67 -30.36 -6.69
N LEU A 388 3.83 -30.25 -6.02
CA LEU A 388 3.97 -29.40 -4.85
C LEU A 388 5.11 -28.40 -5.06
N PRO A 389 4.82 -27.10 -4.96
CA PRO A 389 5.84 -26.09 -5.26
C PRO A 389 6.89 -25.99 -4.16
N MET A 390 7.85 -25.10 -4.40
CA MET A 390 8.91 -24.80 -3.44
C MET A 390 8.33 -24.31 -2.11
N LEU A 391 8.99 -24.68 -1.03
CA LEU A 391 8.72 -24.07 0.28
C LEU A 391 10.01 -24.12 1.09
N VAL A 392 10.65 -22.96 1.27
CA VAL A 392 11.93 -22.87 1.96
C VAL A 392 11.82 -21.82 3.05
N TYR A 393 12.61 -22.00 4.10
CA TYR A 393 12.62 -21.10 5.25
C TYR A 393 14.02 -20.51 5.42
N VAL A 394 14.08 -19.22 5.76
CA VAL A 394 15.34 -18.51 5.94
C VAL A 394 15.24 -17.67 7.21
N SER A 395 16.36 -17.59 7.95
CA SER A 395 16.46 -16.75 9.14
C SER A 395 17.75 -15.95 9.00
N ARG A 396 17.61 -14.66 8.68
CA ARG A 396 18.78 -13.84 8.38
C ARG A 396 19.62 -13.62 9.63
N GLU A 397 20.89 -13.31 9.41
CA GLU A 397 21.82 -13.09 10.50
C GLU A 397 21.62 -11.71 11.12
N LYS A 398 21.52 -11.66 12.44
CA LYS A 398 21.43 -10.40 13.18
C LYS A 398 22.55 -10.34 14.21
N ARG A 399 23.30 -9.25 14.19
CA ARG A 399 24.40 -8.99 15.10
C ARG A 399 24.16 -7.72 15.90
N PRO A 400 24.62 -7.68 17.14
CA PRO A 400 24.56 -6.43 17.91
C PRO A 400 25.39 -5.34 17.24
N GLY A 401 24.87 -4.12 17.28
CA GLY A 401 25.54 -3.01 16.64
C GLY A 401 25.39 -2.93 15.14
N HIS A 402 24.74 -3.92 14.53
CA HIS A 402 24.50 -3.95 13.09
C HIS A 402 23.02 -3.74 12.84
N ASP A 403 22.69 -2.75 12.02
CA ASP A 403 21.30 -2.41 11.73
C ASP A 403 20.72 -3.47 10.79
N HIS A 404 19.91 -4.37 11.35
CA HIS A 404 19.22 -5.37 10.54
C HIS A 404 18.22 -4.74 9.56
N GLN A 405 17.77 -3.52 9.84
CA GLN A 405 16.92 -2.75 8.93
C GLN A 405 15.64 -3.50 8.57
N LYS A 406 15.01 -4.12 9.57
CA LYS A 406 13.61 -4.58 9.57
C LYS A 406 13.25 -5.21 8.21
N LYS A 407 12.13 -4.82 7.59
CA LYS A 407 11.60 -5.52 6.43
C LYS A 407 12.49 -5.35 5.20
N ALA A 408 13.12 -4.17 5.05
CA ALA A 408 14.01 -3.97 3.91
C ALA A 408 15.14 -4.99 3.91
N GLY A 409 15.84 -5.11 5.05
CA GLY A 409 16.90 -6.10 5.15
C GLY A 409 16.38 -7.52 5.08
N ALA A 410 15.18 -7.77 5.62
CA ALA A 410 14.60 -9.10 5.52
C ALA A 410 14.41 -9.50 4.06
N MET A 411 13.88 -8.59 3.25
CA MET A 411 13.66 -8.91 1.84
C MET A 411 14.97 -8.90 1.04
N ASN A 412 15.97 -8.13 1.46
CA ASN A 412 17.30 -8.27 0.86
C ASN A 412 17.85 -9.68 1.09
N ALA A 413 17.72 -10.18 2.32
CA ALA A 413 18.16 -11.55 2.60
C ALA A 413 17.36 -12.56 1.79
N LEU A 414 16.05 -12.33 1.69
CA LEU A 414 15.19 -13.21 0.88
C LEU A 414 15.65 -13.25 -0.58
N THR A 415 15.92 -12.08 -1.17
CA THR A 415 16.29 -12.05 -2.58
C THR A 415 17.72 -12.54 -2.79
N ARG A 416 18.59 -12.43 -1.79
CA ARG A 416 19.90 -13.04 -1.89
C ARG A 416 19.82 -14.56 -1.86
N ALA A 417 18.94 -15.10 -1.01
CA ALA A 417 18.74 -16.55 -0.97
C ALA A 417 18.05 -17.06 -2.22
N SER A 418 17.16 -16.26 -2.81
CA SER A 418 16.47 -16.67 -4.03
C SER A 418 17.44 -16.82 -5.19
N ALA A 419 18.40 -15.90 -5.33
CA ALA A 419 19.37 -15.96 -6.41
C ALA A 419 20.22 -17.21 -6.35
N LEU A 420 20.28 -17.89 -5.21
CA LEU A 420 20.98 -19.16 -5.05
C LEU A 420 20.03 -20.34 -5.26
N LEU A 421 18.85 -20.29 -4.65
CA LEU A 421 17.96 -21.45 -4.70
C LEU A 421 17.31 -21.61 -6.07
N SER A 422 16.83 -20.53 -6.66
CA SER A 422 16.13 -20.64 -7.94
C SER A 422 16.71 -19.72 -9.01
N ASN A 423 17.34 -18.60 -8.62
CA ASN A 423 17.90 -17.63 -9.56
C ASN A 423 16.82 -17.12 -10.52
N SER A 424 15.64 -16.84 -9.97
CA SER A 424 14.53 -16.37 -10.79
C SER A 424 14.67 -14.87 -11.09
N PRO A 425 14.60 -14.47 -12.36
CA PRO A 425 14.68 -13.04 -12.67
C PRO A 425 13.52 -12.21 -12.17
N PHE A 426 12.34 -12.81 -11.96
CA PHE A 426 11.13 -12.09 -11.63
C PHE A 426 10.75 -12.36 -10.18
N ILE A 427 10.44 -11.30 -9.44
CA ILE A 427 10.30 -11.43 -7.99
C ILE A 427 9.18 -10.53 -7.44
N LEU A 428 8.09 -11.14 -7.00
CA LEU A 428 6.97 -10.39 -6.45
C LEU A 428 6.98 -10.52 -4.93
N ASN A 429 6.57 -9.44 -4.25
CA ASN A 429 6.56 -9.42 -2.79
C ASN A 429 5.18 -9.03 -2.25
N LEU A 430 4.87 -9.56 -1.07
CA LEU A 430 3.61 -9.30 -0.40
C LEU A 430 3.83 -9.30 1.11
N ASP A 431 2.94 -8.58 1.80
CA ASP A 431 2.95 -8.58 3.26
C ASP A 431 2.18 -9.78 3.80
N CYS A 432 2.21 -9.94 5.12
CA CYS A 432 1.53 -11.06 5.76
C CYS A 432 0.01 -10.96 5.58
N ASP A 433 -0.54 -9.76 5.74
CA ASP A 433 -1.98 -9.56 5.71
C ASP A 433 -2.54 -9.40 4.30
N HIS A 434 -1.68 -9.25 3.29
CA HIS A 434 -2.11 -9.10 1.90
C HIS A 434 -2.15 -10.48 1.25
N TYR A 435 -3.34 -10.94 0.91
CA TYR A 435 -3.53 -12.26 0.32
C TYR A 435 -4.13 -12.13 -1.07
N ILE A 436 -4.03 -13.22 -1.84
CA ILE A 436 -4.48 -13.23 -3.22
C ILE A 436 -5.99 -13.40 -3.25
N ASN A 437 -6.66 -12.49 -3.97
CA ASN A 437 -8.09 -12.64 -4.23
C ASN A 437 -8.37 -13.11 -5.65
N ASN A 438 -7.54 -12.69 -6.61
CA ASN A 438 -7.64 -13.14 -7.99
C ASN A 438 -6.40 -13.96 -8.31
N SER A 439 -6.60 -15.24 -8.65
CA SER A 439 -5.47 -16.14 -8.89
C SER A 439 -4.77 -15.85 -10.22
N GLN A 440 -5.36 -15.01 -11.06
CA GLN A 440 -4.78 -14.67 -12.36
C GLN A 440 -3.89 -13.44 -12.31
N ALA A 441 -3.63 -12.90 -11.11
CA ALA A 441 -2.74 -11.75 -10.99
C ALA A 441 -1.33 -12.08 -11.45
N LEU A 442 -0.89 -13.33 -11.22
CA LEU A 442 0.44 -13.73 -11.66
C LEU A 442 0.56 -13.63 -13.17
N ARG A 443 -0.43 -14.14 -13.91
CA ARG A 443 -0.41 -14.02 -15.36
C ARG A 443 -0.59 -12.58 -15.82
N ALA A 444 -1.43 -11.81 -15.11
CA ALA A 444 -1.62 -10.41 -15.47
C ALA A 444 -0.33 -9.62 -15.28
N GLY A 445 0.55 -10.09 -14.40
CA GLY A 445 1.85 -9.44 -14.25
C GLY A 445 2.88 -9.94 -15.24
N ILE A 446 2.90 -11.25 -15.49
CA ILE A 446 3.88 -11.82 -16.42
C ILE A 446 3.59 -11.45 -17.86
N CYS A 447 2.36 -11.10 -18.21
CA CYS A 447 2.07 -10.72 -19.59
C CYS A 447 2.88 -9.50 -20.02
N PHE A 448 2.95 -8.49 -19.16
CA PHE A 448 3.75 -7.30 -19.45
C PHE A 448 5.24 -7.62 -19.51
N MET A 449 5.75 -8.49 -18.64
CA MET A 449 7.13 -8.92 -18.68
C MET A 449 7.50 -9.72 -19.91
N VAL A 450 6.55 -10.47 -20.50
CA VAL A 450 6.84 -11.29 -21.67
C VAL A 450 6.45 -10.60 -22.97
N GLY A 451 5.73 -9.48 -22.92
CA GLY A 451 5.38 -8.75 -24.11
C GLY A 451 6.57 -8.04 -24.71
N ARG A 452 6.31 -7.33 -25.82
CA ARG A 452 7.37 -6.64 -26.54
C ARG A 452 7.84 -5.41 -25.78
N ASP A 453 9.10 -5.04 -26.00
CA ASP A 453 9.71 -3.88 -25.37
C ASP A 453 9.59 -3.97 -23.85
N SER A 454 9.84 -5.16 -23.31
CA SER A 454 9.73 -5.39 -21.87
C SER A 454 11.03 -5.13 -21.12
N ASP A 455 12.13 -4.85 -21.83
CA ASP A 455 13.39 -4.57 -21.16
C ASP A 455 13.34 -3.30 -20.33
N THR A 456 12.70 -2.25 -20.85
CA THR A 456 12.61 -0.98 -20.13
C THR A 456 11.77 -1.06 -18.87
N VAL A 457 10.80 -1.96 -18.80
CA VAL A 457 9.91 -2.06 -17.66
C VAL A 457 10.61 -2.85 -16.56
N ALA A 458 10.90 -2.19 -15.44
CA ALA A 458 11.60 -2.84 -14.34
C ALA A 458 10.64 -3.50 -13.37
N PHE A 459 9.55 -2.83 -13.01
CA PHE A 459 8.67 -3.34 -11.98
C PHE A 459 7.22 -3.01 -12.33
N VAL A 460 6.32 -3.84 -11.80
CA VAL A 460 4.88 -3.67 -11.99
C VAL A 460 4.20 -3.68 -10.62
N GLN A 461 3.38 -2.66 -10.37
CA GLN A 461 2.60 -2.52 -9.15
C GLN A 461 1.21 -3.11 -9.37
N PHE A 462 0.60 -3.62 -8.30
CA PHE A 462 -0.71 -4.25 -8.38
C PHE A 462 -1.68 -3.57 -7.42
N PRO A 463 -2.98 -3.63 -7.69
CA PRO A 463 -3.94 -2.90 -6.85
C PRO A 463 -3.95 -3.41 -5.41
N GLN A 464 -3.81 -2.47 -4.49
CA GLN A 464 -3.83 -2.76 -3.05
C GLN A 464 -5.23 -2.48 -2.52
N ARG A 465 -6.03 -3.53 -2.37
CA ARG A 465 -7.41 -3.39 -1.92
C ARG A 465 -7.52 -3.84 -0.47
N PHE A 466 -8.48 -3.25 0.24
CA PHE A 466 -8.70 -3.52 1.66
C PHE A 466 -10.13 -4.01 1.87
N GLU A 467 -10.29 -4.92 2.83
CA GLU A 467 -11.58 -5.51 3.16
C GLU A 467 -12.14 -4.90 4.43
N GLY A 468 -13.37 -5.28 4.76
CA GLY A 468 -14.03 -4.84 5.97
C GLY A 468 -14.70 -3.49 5.89
N VAL A 469 -14.63 -2.81 4.74
CA VAL A 469 -15.27 -1.50 4.61
C VAL A 469 -16.77 -1.68 4.45
N ASP A 470 -17.54 -0.82 5.12
CA ASP A 470 -18.99 -0.88 5.02
C ASP A 470 -19.42 -0.53 3.59
N PRO A 471 -20.55 -1.07 3.13
CA PRO A 471 -21.00 -0.77 1.76
C PRO A 471 -21.24 0.71 1.51
N THR A 472 -21.64 1.46 2.53
CA THR A 472 -21.89 2.89 2.37
C THR A 472 -20.59 3.70 2.26
N ASP A 473 -19.47 3.14 2.68
CA ASP A 473 -18.15 3.78 2.57
C ASP A 473 -18.15 5.14 3.28
N LEU A 474 -18.41 5.08 4.59
CA LEU A 474 -18.51 6.30 5.39
C LEU A 474 -17.15 6.94 5.65
N TYR A 475 -16.09 6.13 5.74
CA TYR A 475 -14.80 6.62 6.23
C TYR A 475 -13.69 6.45 5.18
N ALA A 476 -14.02 5.91 4.01
CA ALA A 476 -13.11 5.85 2.87
C ALA A 476 -11.80 5.13 3.21
N ASN A 477 -11.92 3.87 3.64
CA ASN A 477 -10.73 3.07 3.93
C ASN A 477 -10.06 2.59 2.64
N HIS A 478 -10.80 2.59 1.53
CA HIS A 478 -10.26 2.05 0.27
C HIS A 478 -9.15 2.95 -0.29
N ASN A 479 -9.27 4.26 -0.10
CA ASN A 479 -8.37 5.25 -0.71
C ASN A 479 -8.38 5.11 -2.24
N ARG A 480 -9.58 4.82 -2.77
CA ARG A 480 -9.73 4.67 -4.22
C ARG A 480 -9.41 5.96 -4.95
N ILE A 481 -9.89 7.09 -4.44
CA ILE A 481 -9.70 8.36 -5.15
C ILE A 481 -8.23 8.73 -5.25
N PHE A 482 -7.38 8.12 -4.43
CA PHE A 482 -5.94 8.30 -4.58
C PHE A 482 -5.33 7.25 -5.48
N PHE A 483 -5.56 5.97 -5.17
CA PHE A 483 -4.91 4.90 -5.94
C PHE A 483 -5.32 4.91 -7.41
N ASP A 484 -6.62 4.96 -7.69
CA ASP A 484 -7.09 5.00 -9.06
C ASP A 484 -7.17 6.43 -9.60
N GLY A 485 -6.77 7.42 -8.81
CA GLY A 485 -6.82 8.80 -9.25
C GLY A 485 -5.49 9.35 -9.73
N THR A 486 -4.42 9.10 -8.97
CA THR A 486 -3.12 9.66 -9.29
C THR A 486 -2.20 8.62 -9.93
N LEU A 487 -2.09 7.44 -9.32
CA LEU A 487 -1.27 6.38 -9.89
C LEU A 487 -1.85 5.90 -11.22
N ARG A 488 -3.18 5.82 -11.30
CA ARG A 488 -3.81 5.35 -12.54
C ARG A 488 -3.59 6.34 -13.67
N ALA A 489 -3.28 7.60 -13.35
CA ALA A 489 -2.98 8.58 -14.38
C ALA A 489 -1.49 8.58 -14.71
N LEU A 490 -0.64 8.41 -13.70
CA LEU A 490 0.79 8.30 -13.94
C LEU A 490 1.13 7.06 -14.77
N ASP A 491 0.29 6.02 -14.69
CA ASP A 491 0.49 4.82 -15.49
C ASP A 491 0.51 5.12 -16.98
N GLY A 492 -0.20 6.17 -17.40
CA GLY A 492 -0.53 6.32 -18.81
C GLY A 492 0.66 6.39 -19.75
N MET A 493 1.65 7.22 -19.42
CA MET A 493 2.70 7.56 -20.39
C MET A 493 4.01 6.80 -20.15
N GLN A 494 4.51 6.77 -18.90
CA GLN A 494 5.70 5.98 -18.60
C GLN A 494 5.46 4.86 -17.59
N GLY A 495 4.78 5.14 -16.48
CA GLY A 495 4.49 4.10 -15.51
C GLY A 495 4.42 4.60 -14.08
N PRO A 496 3.81 3.80 -13.22
CA PRO A 496 3.65 4.20 -11.82
C PRO A 496 4.93 4.07 -10.99
N ILE A 497 4.81 4.29 -9.70
CA ILE A 497 5.91 4.17 -8.75
C ILE A 497 5.64 2.99 -7.83
N TYR A 498 6.69 2.50 -7.18
CA TYR A 498 6.55 1.47 -6.17
C TYR A 498 5.87 2.08 -4.95
N VAL A 499 4.85 1.38 -4.43
CA VAL A 499 4.02 1.89 -3.36
C VAL A 499 4.27 1.18 -2.03
N GLY A 500 4.88 0.00 -2.05
CA GLY A 500 5.25 -0.66 -0.82
C GLY A 500 4.97 -2.14 -0.77
N THR A 501 3.89 -2.58 -1.43
CA THR A 501 3.51 -3.98 -1.44
C THR A 501 2.76 -4.30 -2.72
N GLY A 502 2.59 -5.59 -2.96
CA GLY A 502 1.91 -6.05 -4.17
C GLY A 502 2.62 -5.66 -5.45
N CYS A 503 3.94 -5.79 -5.49
CA CYS A 503 4.73 -5.36 -6.63
C CYS A 503 5.71 -6.47 -7.03
N LEU A 504 6.03 -6.51 -8.32
CA LEU A 504 6.99 -7.48 -8.86
C LEU A 504 8.14 -6.72 -9.53
N PHE A 505 9.35 -7.20 -9.31
CA PHE A 505 10.59 -6.59 -9.76
C PHE A 505 11.31 -7.50 -10.75
N ARG A 506 12.15 -6.89 -11.59
CA ARG A 506 13.09 -7.60 -12.42
C ARG A 506 14.50 -7.34 -11.90
N ARG A 507 15.27 -8.42 -11.69
CA ARG A 507 16.50 -8.30 -10.92
C ARG A 507 17.74 -8.21 -11.79
N ILE A 508 17.63 -8.52 -13.09
CA ILE A 508 18.79 -8.58 -13.97
C ILE A 508 19.48 -7.22 -14.04
N THR A 509 18.73 -6.16 -13.77
CA THR A 509 19.31 -4.82 -13.77
C THR A 509 20.37 -4.67 -12.67
N VAL A 510 20.09 -5.21 -11.49
CA VAL A 510 21.04 -5.14 -10.38
C VAL A 510 21.66 -6.50 -10.13
N PHE A 576 28.06 -14.44 -2.67
CA PHE A 576 27.19 -13.96 -3.75
C PHE A 576 28.02 -13.30 -4.86
N VAL A 577 29.21 -12.84 -4.49
CA VAL A 577 30.07 -12.15 -5.46
C VAL A 577 30.48 -13.11 -6.58
N ASP A 578 30.76 -14.36 -6.24
CA ASP A 578 31.09 -15.36 -7.26
C ASP A 578 29.88 -16.06 -7.84
N THR A 579 28.70 -15.87 -7.26
CA THR A 579 27.46 -16.36 -7.84
C THR A 579 26.79 -15.35 -8.75
N ILE A 580 27.29 -14.11 -8.77
CA ILE A 580 26.79 -13.11 -9.73
C ILE A 580 26.80 -13.62 -11.17
N PRO A 581 27.88 -14.25 -11.68
CA PRO A 581 27.87 -14.67 -13.09
C PRO A 581 26.73 -15.61 -13.45
N ARG A 582 26.32 -16.50 -12.55
CA ARG A 582 25.20 -17.38 -12.86
C ARG A 582 23.91 -16.60 -13.11
N ALA A 583 23.68 -15.54 -12.31
CA ALA A 583 22.49 -14.73 -12.52
C ALA A 583 22.62 -13.80 -13.71
N SER A 584 23.84 -13.32 -14.00
CA SER A 584 24.06 -12.34 -15.06
C SER A 584 24.44 -12.96 -16.40
N HIS A 585 24.46 -14.28 -16.49
CA HIS A 585 24.70 -14.92 -17.77
C HIS A 585 23.61 -14.55 -18.77
N PRO A 586 23.93 -14.38 -20.05
CA PRO A 586 22.89 -14.02 -21.03
C PRO A 586 21.78 -15.05 -21.14
N SER A 587 22.08 -16.32 -20.90
CA SER A 587 21.07 -17.37 -20.96
C SER A 587 20.92 -18.02 -19.59
N PRO A 588 19.94 -17.60 -18.77
CA PRO A 588 19.79 -18.18 -17.44
C PRO A 588 18.97 -19.47 -17.42
N TYR A 589 18.42 -19.90 -18.55
CA TYR A 589 17.58 -21.09 -18.59
C TYR A 589 18.35 -22.38 -18.40
N ALA A 590 19.69 -22.34 -18.43
CA ALA A 590 20.51 -23.53 -18.24
C ALA A 590 20.65 -23.92 -16.78
N ALA A 591 20.18 -23.09 -15.85
CA ALA A 591 20.28 -23.38 -14.43
C ALA A 591 19.05 -24.06 -13.86
N ALA A 592 18.02 -24.32 -14.69
CA ALA A 592 16.80 -24.95 -14.22
C ALA A 592 16.59 -26.34 -14.81
N ALA A 593 17.29 -26.69 -15.88
CA ALA A 593 17.14 -28.02 -16.46
C ALA A 593 17.65 -29.09 -15.50
N GLU A 594 18.83 -28.87 -14.91
CA GLU A 594 19.38 -29.79 -13.91
C GLU A 594 18.92 -29.31 -12.53
N GLY A 595 17.82 -29.90 -12.08
CA GLY A 595 17.24 -29.53 -10.79
C GLY A 595 18.20 -29.74 -9.63
N ILE A 596 18.50 -28.67 -8.90
CA ILE A 596 19.42 -28.75 -7.77
C ILE A 596 18.65 -29.21 -6.54
N VAL A 597 19.03 -30.37 -6.00
CA VAL A 597 18.38 -30.88 -4.80
C VAL A 597 18.92 -30.14 -3.58
N ALA A 598 18.11 -30.08 -2.52
CA ALA A 598 18.53 -29.44 -1.29
C ALA A 598 19.52 -30.33 -0.54
N ASP A 599 20.70 -30.53 -1.14
CA ASP A 599 21.70 -31.40 -0.56
C ASP A 599 22.59 -30.61 0.41
N GLU A 600 23.51 -31.33 1.07
CA GLU A 600 24.37 -30.71 2.06
C GLU A 600 25.28 -29.67 1.44
N ALA A 601 25.76 -29.90 0.22
CA ALA A 601 26.61 -28.92 -0.45
C ALA A 601 25.88 -27.61 -0.67
N THR A 602 24.65 -27.67 -1.19
CA THR A 602 23.87 -26.45 -1.40
C THR A 602 23.55 -25.78 -0.07
N ILE A 603 23.22 -26.57 0.95
CA ILE A 603 22.89 -26.00 2.25
C ILE A 603 24.10 -25.26 2.83
N VAL A 604 25.27 -25.88 2.78
CA VAL A 604 26.45 -25.27 3.37
C VAL A 604 26.88 -24.04 2.58
N GLU A 605 26.77 -24.08 1.24
CA GLU A 605 27.12 -22.90 0.48
C GLU A 605 26.15 -21.75 0.74
N ALA A 606 24.86 -22.04 0.90
CA ALA A 606 23.91 -21.00 1.25
C ALA A 606 24.22 -20.41 2.61
N VAL A 607 24.51 -21.26 3.59
CA VAL A 607 24.85 -20.77 4.92
C VAL A 607 26.11 -19.91 4.86
N ASN A 608 27.07 -20.30 4.03
CA ASN A 608 28.32 -19.53 3.93
C ASN A 608 28.09 -18.16 3.30
N VAL A 609 27.31 -18.11 2.21
CA VAL A 609 27.22 -16.86 1.45
C VAL A 609 25.95 -16.06 1.72
N THR A 610 25.13 -16.45 2.70
CA THR A 610 24.01 -15.63 3.11
C THR A 610 24.25 -14.86 4.40
N ALA A 611 25.50 -14.81 4.86
CA ALA A 611 25.82 -14.09 6.08
C ALA A 611 25.73 -12.59 5.85
N ALA A 612 25.53 -11.85 6.96
CA ALA A 612 25.47 -10.39 6.87
C ALA A 612 26.85 -9.76 6.93
N ALA A 613 27.90 -10.58 7.05
CA ALA A 613 29.26 -10.06 7.09
C ALA A 613 29.69 -9.44 5.76
N PHE A 614 28.96 -9.74 4.67
CA PHE A 614 29.32 -9.21 3.37
C PHE A 614 28.85 -7.77 3.18
N GLU A 615 27.97 -7.27 4.04
CA GLU A 615 27.47 -5.91 3.92
C GLU A 615 28.49 -4.84 4.33
N LYS A 616 29.57 -5.24 5.01
CA LYS A 616 30.61 -4.29 5.37
C LYS A 616 31.60 -4.12 4.22
N LYS A 617 32.01 -2.88 3.98
CA LYS A 617 32.95 -2.48 2.94
C LYS A 617 32.44 -2.78 1.54
N THR A 618 31.14 -3.04 1.38
CA THR A 618 30.52 -3.24 0.08
C THR A 618 29.42 -2.20 -0.11
N GLY A 619 28.80 -2.22 -1.28
CA GLY A 619 27.83 -1.21 -1.65
C GLY A 619 26.38 -1.59 -1.51
N TRP A 620 26.08 -2.86 -1.20
CA TRP A 620 24.70 -3.33 -1.08
C TRP A 620 23.95 -2.58 0.00
N GLY A 621 22.94 -1.80 -0.39
CA GLY A 621 22.20 -0.98 0.53
C GLY A 621 22.72 0.44 0.66
N LYS A 622 24.03 0.63 0.67
CA LYS A 622 24.63 1.96 0.77
C LYS A 622 24.57 2.76 -0.52
N GLU A 623 24.76 2.11 -1.68
CA GLU A 623 24.81 2.85 -2.94
C GLU A 623 23.97 2.24 -4.06
N ILE A 624 23.58 0.97 -3.98
CA ILE A 624 22.55 0.39 -4.84
C ILE A 624 21.61 -0.44 -3.99
N GLY A 625 20.64 -1.05 -4.65
CA GLY A 625 19.63 -1.82 -3.96
C GLY A 625 18.71 -0.95 -3.13
N TRP A 626 18.17 -1.56 -2.08
CA TRP A 626 17.29 -0.83 -1.18
C TRP A 626 18.11 -0.02 -0.19
N VAL A 627 18.01 1.30 -0.28
CA VAL A 627 18.84 2.16 0.55
C VAL A 627 18.40 2.05 2.00
N TYR A 628 19.37 2.16 2.91
CA TYR A 628 19.10 2.02 4.33
C TYR A 628 19.06 3.40 4.99
N ASP A 629 18.84 3.41 6.30
CA ASP A 629 18.69 4.64 7.08
C ASP A 629 17.54 5.49 6.57
N THR A 630 16.52 4.84 6.00
CA THR A 630 15.33 5.52 5.52
C THR A 630 14.12 4.70 5.90
N VAL A 631 12.96 5.37 5.94
CA VAL A 631 11.73 4.75 6.44
C VAL A 631 10.98 4.05 5.31
N THR A 632 10.54 4.80 4.30
CA THR A 632 9.75 4.26 3.19
C THR A 632 10.70 3.82 2.09
N GLU A 633 10.80 2.52 1.89
CA GLU A 633 11.64 1.99 0.82
C GLU A 633 11.01 2.16 -0.55
N ASP A 634 9.68 2.28 -0.62
CA ASP A 634 8.97 2.16 -1.89
C ASP A 634 9.39 3.23 -2.89
N VAL A 635 9.09 4.50 -2.59
CA VAL A 635 9.35 5.57 -3.54
C VAL A 635 10.84 5.80 -3.73
N VAL A 636 11.64 5.60 -2.67
CA VAL A 636 13.08 5.80 -2.81
C VAL A 636 13.69 4.74 -3.72
N THR A 637 13.21 3.49 -3.63
CA THR A 637 13.67 2.45 -4.54
C THR A 637 13.21 2.73 -5.96
N GLY A 638 11.98 3.20 -6.12
CA GLY A 638 11.51 3.61 -7.43
C GLY A 638 12.39 4.69 -8.04
N TYR A 639 12.82 5.65 -7.22
CA TYR A 639 13.66 6.73 -7.72
C TYR A 639 15.05 6.22 -8.10
N ARG A 640 15.68 5.44 -7.23
CA ARG A 640 16.99 4.88 -7.58
C ARG A 640 16.91 3.92 -8.76
N MET A 641 15.74 3.37 -9.05
CA MET A 641 15.61 2.50 -10.21
C MET A 641 15.41 3.31 -11.49
N HIS A 642 14.55 4.33 -11.44
CA HIS A 642 14.32 5.17 -12.61
C HIS A 642 15.50 6.08 -12.92
N ILE A 643 16.39 6.31 -11.95
CA ILE A 643 17.55 7.15 -12.21
C ILE A 643 18.49 6.52 -13.24
N LYS A 644 18.41 5.21 -13.43
CA LYS A 644 19.23 4.57 -14.44
C LYS A 644 18.54 4.48 -15.80
N GLY A 645 17.24 4.73 -15.88
CA GLY A 645 16.58 4.74 -17.16
C GLY A 645 15.61 3.62 -17.45
N TRP A 646 14.73 3.31 -16.50
CA TRP A 646 13.74 2.25 -16.73
C TRP A 646 12.32 2.77 -16.51
N ARG A 647 11.36 2.04 -17.07
CA ARG A 647 9.94 2.39 -16.96
C ARG A 647 9.23 1.36 -16.08
N SER A 648 7.90 1.49 -16.01
CA SER A 648 7.10 0.60 -15.19
C SER A 648 5.71 0.49 -15.78
N ARG A 649 4.97 -0.53 -15.35
CA ARG A 649 3.61 -0.75 -15.80
C ARG A 649 2.71 -0.96 -14.59
N TYR A 650 1.41 -1.03 -14.85
CA TYR A 650 0.39 -1.22 -13.83
C TYR A 650 -0.75 -2.06 -14.38
N CYS A 651 -1.49 -2.70 -13.47
CA CYS A 651 -2.64 -3.52 -13.83
C CYS A 651 -3.82 -3.15 -12.96
N SER A 652 -5.01 -3.16 -13.56
CA SER A 652 -6.25 -2.88 -12.85
C SER A 652 -7.31 -3.82 -13.39
N ILE A 653 -7.64 -4.86 -12.62
CA ILE A 653 -8.60 -5.88 -13.05
C ILE A 653 -9.65 -6.07 -11.96
N TYR A 654 -10.82 -6.51 -12.39
CA TYR A 654 -11.92 -6.83 -11.49
C TYR A 654 -12.25 -8.31 -11.63
N PRO A 655 -12.36 -9.07 -10.53
CA PRO A 655 -12.31 -8.67 -9.11
C PRO A 655 -10.92 -8.25 -8.64
N HIS A 656 -10.83 -7.80 -7.40
CA HIS A 656 -9.57 -7.32 -6.84
C HIS A 656 -8.51 -8.40 -6.91
N ALA A 657 -7.29 -8.02 -7.33
CA ALA A 657 -6.20 -8.98 -7.42
C ALA A 657 -5.77 -9.46 -6.05
N PHE A 658 -5.50 -8.53 -5.14
CA PHE A 658 -5.12 -8.82 -3.76
C PHE A 658 -6.03 -8.07 -2.81
N ILE A 659 -6.31 -8.70 -1.67
CA ILE A 659 -7.03 -8.07 -0.56
C ILE A 659 -6.11 -8.01 0.63
N GLY A 660 -5.96 -6.83 1.22
CA GLY A 660 -5.16 -6.64 2.41
C GLY A 660 -6.01 -6.23 3.59
N THR A 661 -5.38 -6.25 4.76
CA THR A 661 -6.06 -5.84 5.99
C THR A 661 -5.98 -4.33 6.13
N ALA A 662 -7.14 -3.70 6.22
CA ALA A 662 -7.19 -2.26 6.40
C ALA A 662 -6.65 -1.90 7.79
N PRO A 663 -6.15 -0.69 7.96
CA PRO A 663 -5.69 -0.27 9.30
C PRO A 663 -6.82 -0.42 10.33
N ILE A 664 -6.51 -1.03 11.46
CA ILE A 664 -7.51 -1.37 12.47
C ILE A 664 -7.46 -0.34 13.60
N ASN A 665 -8.57 0.35 13.80
CA ASN A 665 -8.84 1.38 14.80
C ASN A 665 -7.95 2.63 14.75
N LEU A 666 -8.42 3.66 15.46
CA LEU A 666 -7.93 5.02 15.32
C LEU A 666 -6.49 5.18 15.76
N THR A 667 -6.09 4.48 16.84
CA THR A 667 -4.76 4.68 17.39
C THR A 667 -3.69 4.36 16.37
N GLU A 668 -3.74 3.18 15.78
CA GLU A 668 -2.71 2.85 14.81
C GLU A 668 -3.02 3.48 13.45
N ARG A 669 -4.27 3.86 13.19
CA ARG A 669 -4.52 4.65 11.97
C ARG A 669 -3.73 5.96 12.01
N LEU A 670 -3.80 6.66 13.14
CA LEU A 670 -2.99 7.85 13.34
C LEU A 670 -1.51 7.51 13.30
N PHE A 671 -1.12 6.40 13.94
CA PHE A 671 0.27 5.98 13.91
C PHE A 671 0.78 5.79 12.49
N GLN A 672 -0.01 5.14 11.64
CA GLN A 672 0.47 4.80 10.31
C GLN A 672 0.42 6.00 9.36
N VAL A 673 -0.54 6.91 9.55
CA VAL A 673 -0.47 8.15 8.76
C VAL A 673 0.75 8.97 9.17
N LEU A 674 1.06 9.00 10.48
CA LEU A 674 2.28 9.65 10.94
C LEU A 674 3.51 8.96 10.38
N ARG A 675 3.47 7.63 10.32
CA ARG A 675 4.58 6.85 9.76
C ARG A 675 4.83 7.20 8.30
N TRP A 676 3.75 7.28 7.51
CA TRP A 676 3.87 7.67 6.10
C TRP A 676 4.46 9.07 5.97
N SER A 677 3.93 10.02 6.75
CA SER A 677 4.41 11.40 6.66
C SER A 677 5.85 11.51 7.09
N THR A 678 6.23 10.80 8.17
CA THR A 678 7.60 10.82 8.64
C THR A 678 8.55 10.22 7.61
N GLY A 679 8.13 9.14 6.96
CA GLY A 679 8.96 8.56 5.91
C GLY A 679 9.15 9.52 4.75
N SER A 680 8.08 10.21 4.35
CA SER A 680 8.20 11.20 3.28
C SER A 680 9.18 12.31 3.67
N LEU A 681 9.07 12.80 4.90
CA LEU A 681 9.97 13.87 5.33
C LEU A 681 11.42 13.37 5.42
N GLU A 682 11.61 12.14 5.90
CA GLU A 682 12.96 11.59 6.00
C GLU A 682 13.59 11.40 4.62
N ILE A 683 12.81 10.92 3.65
CA ILE A 683 13.38 10.75 2.31
C ILE A 683 13.68 12.10 1.68
N PHE A 684 12.85 13.12 1.97
CA PHE A 684 13.18 14.46 1.50
C PHE A 684 14.49 14.96 2.11
N PHE A 685 14.69 14.70 3.41
CA PHE A 685 15.89 15.18 4.08
C PHE A 685 17.17 14.61 3.48
N SER A 686 17.10 13.44 2.85
CA SER A 686 18.29 12.79 2.32
C SER A 686 18.76 13.50 1.05
N LYS A 687 19.77 12.91 0.39
CA LYS A 687 20.43 13.55 -0.75
C LYS A 687 19.71 13.31 -2.07
N ASN A 688 18.54 12.70 -2.07
CA ASN A 688 17.85 12.32 -3.29
C ASN A 688 16.89 13.38 -3.80
N ASN A 689 17.20 14.66 -3.58
CA ASN A 689 16.33 15.72 -4.07
C ASN A 689 16.24 15.67 -5.59
N PRO A 690 15.04 15.72 -6.17
CA PRO A 690 14.91 15.60 -7.63
C PRO A 690 15.53 16.74 -8.41
N LEU A 691 15.82 17.88 -7.77
CA LEU A 691 16.33 19.02 -8.51
C LEU A 691 17.70 18.72 -9.12
N PHE A 692 18.56 18.03 -8.39
CA PHE A 692 19.87 17.63 -8.90
C PHE A 692 19.88 16.21 -9.46
N GLY A 693 18.75 15.75 -9.99
CA GLY A 693 18.69 14.42 -10.56
C GLY A 693 19.43 14.32 -11.88
N SER A 694 19.59 13.08 -12.33
CA SER A 694 20.28 12.83 -13.59
C SER A 694 19.50 13.43 -14.75
N THR A 695 20.24 13.85 -15.79
CA THR A 695 19.62 14.45 -16.96
C THR A 695 18.77 13.47 -17.75
N TYR A 696 18.97 12.16 -17.58
CA TYR A 696 18.15 11.21 -18.34
C TYR A 696 16.70 11.23 -17.89
N LEU A 697 16.43 11.61 -16.65
CA LEU A 697 15.08 11.58 -16.10
C LEU A 697 14.21 12.60 -16.82
N HIS A 698 13.06 12.15 -17.30
CA HIS A 698 12.14 13.04 -17.99
C HIS A 698 11.54 14.04 -17.01
N PRO A 699 11.33 15.29 -17.46
CA PRO A 699 10.79 16.30 -16.55
C PRO A 699 9.44 15.95 -15.94
N LEU A 700 8.64 15.11 -16.61
CA LEU A 700 7.32 14.80 -16.06
C LEU A 700 7.44 13.97 -14.79
N GLN A 701 8.21 12.88 -14.82
CA GLN A 701 8.40 12.18 -13.56
C GLN A 701 9.32 12.94 -12.62
N ARG A 702 10.13 13.87 -13.12
CA ARG A 702 10.86 14.75 -12.20
C ARG A 702 9.90 15.57 -11.36
N VAL A 703 8.91 16.21 -11.99
CA VAL A 703 7.95 17.01 -11.23
C VAL A 703 7.03 16.13 -10.40
N ALA A 704 6.73 14.92 -10.89
CA ALA A 704 5.97 13.97 -10.08
C ALA A 704 6.74 13.58 -8.83
N TYR A 705 8.06 13.39 -8.95
CA TYR A 705 8.88 13.05 -7.80
C TYR A 705 8.97 14.22 -6.83
N ILE A 706 9.10 15.44 -7.37
CA ILE A 706 9.06 16.63 -6.52
C ILE A 706 7.77 16.65 -5.70
N ASN A 707 6.64 16.41 -6.35
CA ASN A 707 5.37 16.35 -5.64
C ASN A 707 5.37 15.26 -4.57
N ILE A 708 5.73 14.03 -4.96
CA ILE A 708 5.63 12.89 -4.05
C ILE A 708 6.63 12.98 -2.93
N THR A 709 7.61 13.89 -3.02
CA THR A 709 8.55 14.07 -1.92
C THR A 709 8.38 15.37 -1.15
N THR A 710 7.60 16.34 -1.64
CA THR A 710 7.40 17.56 -0.88
C THR A 710 5.93 17.88 -0.58
N TYR A 711 5.00 16.97 -0.88
CA TYR A 711 3.61 17.23 -0.52
C TYR A 711 3.37 17.48 0.96
N PRO A 712 4.03 16.81 1.93
CA PRO A 712 3.69 17.07 3.34
C PRO A 712 4.02 18.48 3.82
N PHE A 713 4.61 19.33 2.97
CA PHE A 713 4.85 20.71 3.38
C PHE A 713 3.63 21.60 3.22
N THR A 714 2.51 21.07 2.72
CA THR A 714 1.29 21.86 2.64
C THR A 714 0.82 22.32 4.01
N ALA A 715 1.12 21.53 5.05
CA ALA A 715 0.58 21.78 6.39
C ALA A 715 1.05 23.11 6.96
N ILE A 716 2.33 23.46 6.74
CA ILE A 716 2.88 24.66 7.36
C ILE A 716 2.15 25.92 6.91
N PHE A 717 1.56 25.91 5.71
CA PHE A 717 0.72 27.01 5.27
C PHE A 717 -0.77 26.74 5.47
N LEU A 718 -1.19 25.47 5.50
CA LEU A 718 -2.59 25.16 5.73
C LEU A 718 -3.02 25.54 7.14
N ILE A 719 -2.14 25.34 8.13
CA ILE A 719 -2.46 25.77 9.49
C ILE A 719 -2.68 27.28 9.53
N PHE A 720 -1.80 28.04 8.88
CA PHE A 720 -1.97 29.49 8.82
C PHE A 720 -3.26 29.87 8.11
N TYR A 721 -3.56 29.19 7.00
CA TYR A 721 -4.78 29.51 6.25
C TYR A 721 -6.04 29.19 7.02
N THR A 722 -6.03 28.12 7.82
CA THR A 722 -7.17 27.83 8.69
C THR A 722 -7.28 28.79 9.86
N THR A 723 -6.16 29.32 10.36
CA THR A 723 -6.23 30.35 11.40
C THR A 723 -6.56 31.73 10.86
N VAL A 724 -6.38 31.97 9.56
CA VAL A 724 -6.72 33.28 8.98
C VAL A 724 -8.17 33.69 9.26
N PRO A 725 -9.18 32.84 9.05
CA PRO A 725 -10.55 33.30 9.35
C PRO A 725 -10.73 33.78 10.78
N ALA A 726 -10.17 33.07 11.76
CA ALA A 726 -10.33 33.46 13.15
C ALA A 726 -9.65 34.80 13.44
N LEU A 727 -8.40 34.95 12.98
CA LEU A 727 -7.68 36.20 13.21
C LEU A 727 -8.39 37.37 12.52
N SER A 728 -8.84 37.16 11.29
CA SER A 728 -9.54 38.22 10.57
C SER A 728 -10.83 38.60 11.28
N PHE A 729 -11.59 37.61 11.75
CA PHE A 729 -12.88 37.90 12.36
C PHE A 729 -12.72 38.50 13.76
N VAL A 730 -11.57 38.27 14.40
CA VAL A 730 -11.39 38.86 15.72
C VAL A 730 -10.72 40.23 15.60
N THR A 731 -10.03 40.52 14.51
CA THR A 731 -9.34 41.79 14.36
C THR A 731 -10.05 42.80 13.47
N GLY A 732 -11.06 42.37 12.71
CA GLY A 732 -11.79 43.30 11.86
C GLY A 732 -11.14 43.62 10.54
N HIS A 733 -10.13 42.87 10.12
CA HIS A 733 -9.42 43.12 8.87
C HIS A 733 -9.78 42.05 7.84
N PHE A 734 -10.06 42.47 6.62
CA PHE A 734 -10.31 41.57 5.52
C PHE A 734 -8.99 41.22 4.82
N ILE A 735 -8.98 40.11 4.09
CA ILE A 735 -7.82 39.78 3.26
C ILE A 735 -7.69 40.78 2.11
N VAL A 736 -8.80 41.09 1.45
CA VAL A 736 -8.88 42.15 0.46
C VAL A 736 -9.85 43.19 0.98
N GLN A 737 -9.38 44.43 1.13
CA GLN A 737 -10.19 45.47 1.75
C GLN A 737 -11.45 45.75 0.93
N ARG A 738 -11.29 45.86 -0.39
CA ARG A 738 -12.41 46.15 -1.29
C ARG A 738 -12.24 45.33 -2.56
N PRO A 739 -12.88 44.15 -2.62
CA PRO A 739 -12.79 43.34 -3.84
C PRO A 739 -13.41 44.07 -5.02
N THR A 740 -12.77 43.91 -6.18
CA THR A 740 -13.20 44.57 -7.41
C THR A 740 -14.03 43.61 -8.25
N THR A 741 -14.64 44.15 -9.32
CA THR A 741 -15.43 43.32 -10.23
C THR A 741 -14.56 42.28 -10.91
N MET A 742 -13.37 42.68 -11.39
CA MET A 742 -12.47 41.74 -12.03
C MET A 742 -12.00 40.67 -11.05
N PHE A 743 -11.72 41.08 -9.80
CA PHE A 743 -11.29 40.12 -8.79
C PHE A 743 -12.38 39.11 -8.49
N TYR A 744 -13.63 39.57 -8.34
CA TYR A 744 -14.74 38.66 -8.09
C TYR A 744 -14.95 37.72 -9.27
N VAL A 745 -14.85 38.25 -10.49
CA VAL A 745 -15.00 37.41 -11.68
C VAL A 745 -13.91 36.34 -11.72
N TYR A 746 -12.68 36.72 -11.39
CA TYR A 746 -11.57 35.77 -11.42
C TYR A 746 -11.77 34.67 -10.38
N LEU A 747 -12.20 35.03 -9.18
CA LEU A 747 -12.48 34.00 -8.17
C LEU A 747 -13.62 33.09 -8.60
N GLY A 748 -14.69 33.65 -9.17
CA GLY A 748 -15.77 32.81 -9.64
C GLY A 748 -15.33 31.85 -10.72
N ILE A 749 -14.53 32.33 -11.67
CA ILE A 749 -14.03 31.48 -12.74
C ILE A 749 -13.13 30.39 -12.18
N VAL A 750 -12.26 30.74 -11.23
CA VAL A 750 -11.36 29.76 -10.63
C VAL A 750 -12.17 28.65 -9.94
N LEU A 751 -13.18 29.05 -9.16
CA LEU A 751 -14.00 28.07 -8.46
C LEU A 751 -14.75 27.17 -9.45
N SER A 752 -15.33 27.78 -10.49
CA SER A 752 -16.07 26.98 -11.48
C SER A 752 -15.15 26.02 -12.21
N THR A 753 -13.95 26.48 -12.58
CA THR A 753 -13.00 25.61 -13.27
C THR A 753 -12.52 24.48 -12.38
N LEU A 754 -12.29 24.76 -11.09
CA LEU A 754 -11.93 23.68 -10.17
C LEU A 754 -13.04 22.66 -10.06
N LEU A 755 -14.30 23.12 -9.99
CA LEU A 755 -15.42 22.19 -9.94
C LEU A 755 -15.52 21.36 -11.22
N VAL A 756 -15.28 21.97 -12.37
CA VAL A 756 -15.35 21.22 -13.63
C VAL A 756 -14.22 20.20 -13.71
N ILE A 757 -13.01 20.57 -13.27
CA ILE A 757 -11.92 19.61 -13.19
C ILE A 757 -12.30 18.44 -12.29
N ALA A 758 -12.90 18.75 -11.14
CA ALA A 758 -13.30 17.70 -10.21
C ALA A 758 -14.31 16.75 -10.84
N VAL A 759 -15.33 17.30 -11.49
CA VAL A 759 -16.37 16.46 -12.06
C VAL A 759 -15.81 15.65 -13.23
N LEU A 760 -14.92 16.24 -14.03
CA LEU A 760 -14.32 15.51 -15.13
C LEU A 760 -13.47 14.34 -14.62
N GLU A 761 -12.68 14.56 -13.56
CA GLU A 761 -11.86 13.48 -13.04
C GLU A 761 -12.71 12.40 -12.38
N VAL A 762 -13.78 12.78 -11.69
CA VAL A 762 -14.71 11.78 -11.16
C VAL A 762 -15.31 10.97 -12.30
N LYS A 763 -15.66 11.62 -13.40
CA LYS A 763 -16.25 10.91 -14.53
C LYS A 763 -15.28 9.93 -15.16
N TRP A 764 -14.03 10.36 -15.40
CA TRP A 764 -13.11 9.49 -16.12
C TRP A 764 -12.39 8.48 -15.22
N ALA A 765 -12.43 8.65 -13.90
CA ALA A 765 -11.77 7.69 -13.02
C ALA A 765 -12.66 6.53 -12.61
N GLY A 766 -13.92 6.52 -13.04
CA GLY A 766 -14.82 5.45 -12.65
C GLY A 766 -15.24 5.48 -11.20
N VAL A 767 -15.16 6.65 -10.56
CA VAL A 767 -15.50 6.79 -9.14
C VAL A 767 -16.69 7.73 -9.01
N THR A 768 -17.14 7.96 -7.78
CA THR A 768 -18.30 8.80 -7.53
C THR A 768 -17.92 10.04 -6.72
N VAL A 769 -18.79 11.04 -6.81
CA VAL A 769 -18.55 12.31 -6.13
C VAL A 769 -18.54 12.14 -4.61
N PHE A 770 -19.35 11.21 -4.09
CA PHE A 770 -19.39 11.01 -2.65
C PHE A 770 -18.05 10.52 -2.12
N GLU A 771 -17.47 9.50 -2.76
CA GLU A 771 -16.17 9.01 -2.31
C GLU A 771 -15.06 10.01 -2.62
N TRP A 772 -15.15 10.74 -3.74
CA TRP A 772 -14.20 11.83 -3.97
C TRP A 772 -14.21 12.82 -2.82
N PHE A 773 -15.40 13.27 -2.41
CA PHE A 773 -15.52 14.28 -1.38
C PHE A 773 -15.04 13.74 -0.04
N ARG A 774 -15.34 12.46 0.24
CA ARG A 774 -14.87 11.86 1.49
C ARG A 774 -13.35 11.76 1.54
N ASN A 775 -12.73 11.34 0.43
CA ASN A 775 -11.27 11.27 0.42
C ASN A 775 -10.66 12.66 0.51
N GLY A 776 -11.31 13.65 -0.10
CA GLY A 776 -10.85 15.02 0.06
C GLY A 776 -10.89 15.48 1.50
N GLN A 777 -12.00 15.19 2.19
CA GLN A 777 -12.09 15.50 3.62
C GLN A 777 -10.97 14.84 4.39
N PHE A 778 -10.75 13.55 4.13
CA PHE A 778 -9.71 12.82 4.85
C PHE A 778 -8.32 13.40 4.59
N TRP A 779 -8.03 13.79 3.35
CA TRP A 779 -6.69 14.26 3.04
C TRP A 779 -6.47 15.67 3.57
N MET A 780 -7.54 16.48 3.60
CA MET A 780 -7.48 17.75 4.32
C MET A 780 -7.17 17.54 5.80
N THR A 781 -7.87 16.60 6.45
CA THR A 781 -7.64 16.36 7.87
C THR A 781 -6.21 15.85 8.10
N ALA A 782 -5.75 14.94 7.24
CA ALA A 782 -4.39 14.43 7.35
C ALA A 782 -3.36 15.54 7.21
N SER A 783 -3.52 16.42 6.21
CA SER A 783 -2.63 17.55 6.08
C SER A 783 -2.69 18.46 7.30
N CYS A 784 -3.88 18.65 7.86
CA CYS A 784 -4.03 19.52 9.02
C CYS A 784 -3.29 18.99 10.23
N SER A 785 -3.35 17.67 10.47
CA SER A 785 -2.85 17.12 11.73
C SER A 785 -1.57 16.30 11.56
N ALA A 786 -1.60 15.25 10.73
CA ALA A 786 -0.49 14.31 10.69
C ALA A 786 0.75 14.92 10.08
N TYR A 787 0.59 15.72 9.02
CA TYR A 787 1.75 16.34 8.39
C TYR A 787 2.38 17.36 9.33
N LEU A 788 1.56 18.12 10.08
CA LEU A 788 2.11 19.04 11.07
C LEU A 788 2.87 18.29 12.17
N ALA A 789 2.31 17.18 12.64
CA ALA A 789 3.01 16.39 13.64
C ALA A 789 4.34 15.88 13.08
N ALA A 790 4.34 15.40 11.84
CA ALA A 790 5.56 14.89 11.24
C ALA A 790 6.61 15.98 11.09
N VAL A 791 6.20 17.18 10.64
CA VAL A 791 7.18 18.23 10.43
C VAL A 791 7.74 18.72 11.77
N CYS A 792 6.91 18.80 12.81
CA CYS A 792 7.44 19.21 14.10
C CYS A 792 8.38 18.16 14.66
N GLN A 793 8.06 16.88 14.46
CA GLN A 793 8.97 15.82 14.89
C GLN A 793 10.30 15.90 14.15
N VAL A 794 10.26 16.15 12.84
CA VAL A 794 11.47 16.24 12.04
C VAL A 794 12.33 17.42 12.49
N LEU A 795 11.71 18.58 12.72
CA LEU A 795 12.48 19.72 13.24
C LEU A 795 13.05 19.45 14.62
N THR A 796 12.30 18.78 15.51
CA THR A 796 12.83 18.44 16.82
C THR A 796 14.03 17.50 16.71
N LYS A 797 13.95 16.51 15.82
CA LYS A 797 15.06 15.60 15.63
C LYS A 797 16.28 16.32 15.03
N VAL A 798 16.04 17.26 14.12
CA VAL A 798 17.13 18.03 13.54
C VAL A 798 17.81 18.88 14.61
N ILE A 799 17.01 19.52 15.47
CA ILE A 799 17.57 20.33 16.54
C ILE A 799 18.38 19.46 17.50
N PHE A 800 17.83 18.32 17.89
CA PHE A 800 18.53 17.41 18.80
C PHE A 800 18.90 16.12 18.09
N TYR A 822 -16.07 -3.96 11.82
CA TYR A 822 -17.48 -3.80 12.22
C TYR A 822 -17.57 -3.20 13.61
N ALA A 823 -17.92 -4.04 14.59
CA ALA A 823 -18.00 -3.57 15.97
C ALA A 823 -16.62 -3.25 16.53
N ASP A 824 -15.60 -4.01 16.13
CA ASP A 824 -14.24 -3.74 16.61
C ASP A 824 -13.73 -2.38 16.17
N LEU A 825 -14.30 -1.79 15.11
CA LEU A 825 -13.95 -0.45 14.68
C LEU A 825 -14.46 0.62 15.64
N TYR A 826 -15.42 0.27 16.51
CA TYR A 826 -16.06 1.25 17.37
C TYR A 826 -15.38 1.36 18.74
N VAL A 827 -14.16 0.86 18.88
CA VAL A 827 -13.39 1.01 20.10
C VAL A 827 -12.40 2.15 19.91
N VAL A 828 -12.44 3.12 20.82
CA VAL A 828 -11.66 4.35 20.71
C VAL A 828 -10.85 4.53 21.99
N ARG A 829 -9.57 4.87 21.83
CA ARG A 829 -8.69 5.17 22.96
C ARG A 829 -8.08 6.55 22.76
N TRP A 830 -8.03 7.32 23.84
CA TRP A 830 -7.52 8.69 23.78
C TRP A 830 -6.01 8.68 23.55
N THR A 831 -5.54 9.60 22.69
CA THR A 831 -4.13 9.81 22.44
C THR A 831 -3.86 11.31 22.38
N PRO A 832 -2.67 11.75 22.81
CA PRO A 832 -2.33 13.17 22.68
C PRO A 832 -2.26 13.65 21.24
N LEU A 833 -1.92 12.76 20.29
CA LEU A 833 -1.68 13.17 18.91
C LEU A 833 -2.89 13.84 18.27
N MET A 834 -4.09 13.63 18.82
CA MET A 834 -5.30 14.21 18.25
C MET A 834 -5.56 15.64 18.72
N ILE A 835 -4.75 16.19 19.63
CA ILE A 835 -5.14 17.47 20.22
C ILE A 835 -4.98 18.61 19.24
N THR A 836 -4.22 18.43 18.16
CA THR A 836 -3.94 19.54 17.27
C THR A 836 -5.13 19.93 16.39
N PRO A 837 -5.95 19.00 15.86
CA PRO A 837 -7.18 19.46 15.18
C PRO A 837 -8.16 20.17 16.10
N ILE A 838 -8.19 19.81 17.38
CA ILE A 838 -9.23 20.30 18.28
C ILE A 838 -9.27 21.83 18.26
N ILE A 839 -8.12 22.47 18.48
CA ILE A 839 -8.09 23.93 18.50
C ILE A 839 -8.57 24.48 17.16
N ILE A 840 -8.10 23.88 16.06
CA ILE A 840 -8.52 24.39 14.74
C ILE A 840 -10.03 24.29 14.61
N ILE A 841 -10.65 23.30 15.26
CA ILE A 841 -12.10 23.21 15.28
C ILE A 841 -12.68 24.39 16.08
N PHE A 842 -12.19 24.57 17.30
CA PHE A 842 -12.91 25.41 18.25
C PHE A 842 -12.66 26.90 18.05
N VAL A 843 -11.45 27.30 17.68
CA VAL A 843 -11.21 28.71 17.39
C VAL A 843 -12.05 29.16 16.19
N ASN A 844 -12.17 28.29 15.18
CA ASN A 844 -13.01 28.61 14.03
C ASN A 844 -14.48 28.67 14.41
N ILE A 845 -14.94 27.73 15.24
CA ILE A 845 -16.33 27.74 15.68
C ILE A 845 -16.64 29.01 16.46
N ILE A 846 -15.73 29.42 17.35
CA ILE A 846 -15.93 30.65 18.11
C ILE A 846 -15.94 31.86 17.17
N GLY A 847 -14.96 31.93 16.26
CA GLY A 847 -14.83 33.08 15.38
C GLY A 847 -15.98 33.26 14.41
N SER A 848 -16.61 32.16 13.97
CA SER A 848 -17.75 32.29 13.08
C SER A 848 -18.86 33.13 13.71
N ALA A 849 -19.27 32.77 14.93
CA ALA A 849 -20.31 33.53 15.61
C ALA A 849 -19.84 34.92 16.01
N VAL A 850 -18.56 35.09 16.33
CA VAL A 850 -18.05 36.42 16.64
C VAL A 850 -18.21 37.35 15.45
N ALA A 851 -17.83 36.87 14.26
CA ALA A 851 -18.00 37.66 13.04
C ALA A 851 -19.48 37.89 12.72
N PHE A 852 -20.31 36.86 12.92
CA PHE A 852 -21.74 37.01 12.68
C PHE A 852 -22.32 38.13 13.54
N ALA A 853 -22.00 38.13 14.83
CA ALA A 853 -22.47 39.19 15.72
C ALA A 853 -21.87 40.54 15.36
N LYS A 854 -20.58 40.55 14.97
CA LYS A 854 -19.93 41.79 14.57
C LYS A 854 -20.66 42.45 13.41
N VAL A 855 -21.11 41.64 12.45
CA VAL A 855 -21.81 42.19 11.29
C VAL A 855 -23.25 42.54 11.63
N LEU A 856 -23.90 41.73 12.46
CA LEU A 856 -25.31 41.98 12.80
C LEU A 856 -25.49 43.12 13.80
N ASP A 857 -24.43 43.57 14.47
CA ASP A 857 -24.55 44.76 15.29
C ASP A 857 -24.86 46.01 14.46
N GLY A 858 -24.62 45.97 13.15
CA GLY A 858 -24.92 47.09 12.29
C GLY A 858 -23.72 47.81 11.72
N GLU A 859 -22.56 47.16 11.67
CA GLU A 859 -21.38 47.83 11.12
C GLU A 859 -21.50 48.06 9.62
N TRP A 860 -21.64 46.97 8.85
CA TRP A 860 -21.85 47.06 7.41
C TRP A 860 -23.09 46.22 7.08
N THR A 861 -24.22 46.91 6.96
CA THR A 861 -25.50 46.23 6.92
C THR A 861 -25.65 45.35 5.68
N HIS A 862 -25.42 45.90 4.49
CA HIS A 862 -25.74 45.23 3.24
C HIS A 862 -24.79 44.07 2.99
N TRP A 863 -25.26 42.86 3.24
CA TRP A 863 -24.42 41.67 3.04
C TRP A 863 -24.35 41.28 1.58
N LEU A 864 -25.23 41.84 0.75
CA LEU A 864 -25.67 41.14 -0.46
C LEU A 864 -24.54 40.48 -1.25
N LYS A 865 -23.62 41.22 -1.87
CA LYS A 865 -22.70 40.56 -2.79
C LYS A 865 -21.45 40.02 -2.10
N VAL A 866 -21.34 40.16 -0.78
CA VAL A 866 -20.29 39.47 -0.05
C VAL A 866 -20.90 38.22 0.55
N ALA A 867 -22.22 38.07 0.37
CA ALA A 867 -22.91 36.90 0.89
C ALA A 867 -22.31 35.61 0.34
N GLY A 868 -22.13 34.63 1.23
CA GLY A 868 -21.55 33.34 0.88
C GLY A 868 -20.45 32.86 1.80
N GLY A 869 -19.79 33.79 2.51
CA GLY A 869 -18.71 33.38 3.38
C GLY A 869 -19.14 32.36 4.41
N VAL A 870 -20.28 32.59 5.06
CA VAL A 870 -20.78 31.63 6.04
C VAL A 870 -21.02 30.27 5.37
N PHE A 871 -21.51 30.29 4.13
CA PHE A 871 -21.69 29.02 3.42
C PHE A 871 -20.34 28.33 3.26
N PHE A 872 -19.31 29.10 2.91
CA PHE A 872 -17.98 28.51 2.79
C PHE A 872 -17.54 27.95 4.14
N ASN A 873 -17.95 28.61 5.22
CA ASN A 873 -17.66 28.08 6.55
C ASN A 873 -18.32 26.73 6.74
N PHE A 874 -19.58 26.60 6.32
CA PHE A 874 -20.22 25.28 6.34
C PHE A 874 -19.40 24.29 5.53
N TRP A 875 -18.85 24.74 4.42
CA TRP A 875 -17.98 23.89 3.61
C TRP A 875 -16.80 23.39 4.45
N VAL A 876 -16.19 24.29 5.22
CA VAL A 876 -15.09 23.92 6.11
C VAL A 876 -15.58 22.90 7.12
N LEU A 877 -16.83 23.07 7.56
CA LEU A 877 -17.43 22.12 8.48
C LEU A 877 -17.51 20.74 7.84
N PHE A 878 -17.87 20.69 6.57
CA PHE A 878 -18.05 19.40 5.91
C PHE A 878 -16.71 18.74 5.63
N HIS A 879 -15.66 19.53 5.45
CA HIS A 879 -14.33 18.94 5.27
C HIS A 879 -13.58 18.71 6.59
N LEU A 880 -14.10 19.16 7.73
CA LEU A 880 -13.51 18.79 9.00
C LEU A 880 -14.46 17.85 9.75
N TYR A 881 -15.56 17.50 9.09
CA TYR A 881 -16.56 16.59 9.66
C TYR A 881 -16.04 15.19 9.98
N PRO A 882 -15.27 14.50 9.11
CA PRO A 882 -14.94 13.09 9.39
C PRO A 882 -14.29 12.83 10.74
N PHE A 883 -13.14 13.48 11.00
CA PHE A 883 -12.41 13.22 12.23
C PHE A 883 -13.18 13.72 13.44
N ALA A 884 -13.87 14.86 13.29
CA ALA A 884 -14.67 15.39 14.39
C ALA A 884 -15.78 14.44 14.79
N LYS A 885 -16.41 13.79 13.81
CA LYS A 885 -17.42 12.78 14.11
C LYS A 885 -16.79 11.52 14.69
N GLY A 886 -15.64 11.11 14.15
CA GLY A 886 -15.06 9.84 14.56
C GLY A 886 -14.35 9.85 15.90
N ILE A 887 -14.00 11.03 16.41
CA ILE A 887 -13.31 11.08 17.71
C ILE A 887 -14.23 10.56 18.83
N LEU A 888 -15.52 10.92 18.78
CA LEU A 888 -16.43 10.45 19.82
C LEU A 888 -16.62 8.94 19.77
N GLY A 889 -16.62 8.36 18.58
CA GLY A 889 -16.54 6.91 18.41
C GLY A 889 -17.93 6.26 18.40
N LYS A 890 -18.15 5.33 19.33
CA LYS A 890 -19.44 4.64 19.41
C LYS A 890 -20.57 5.63 19.66
N HIS A 891 -20.40 6.50 20.65
CA HIS A 891 -21.37 7.57 20.89
C HIS A 891 -21.48 8.52 19.70
N GLY A 892 -20.46 8.57 18.85
CA GLY A 892 -20.54 9.33 17.62
C GLY A 892 -21.21 8.53 16.51
N LYS A 893 -22.12 7.65 16.90
CA LYS A 893 -22.86 6.84 15.92
C LYS A 893 -23.66 7.73 14.98
N THR A 894 -24.33 8.74 15.52
CA THR A 894 -25.14 9.65 14.73
C THR A 894 -24.80 11.08 15.15
N PRO A 895 -24.98 12.05 14.26
CA PRO A 895 -24.69 13.44 14.61
C PRO A 895 -25.70 14.08 15.55
N VAL A 896 -26.65 13.31 16.11
CA VAL A 896 -27.72 13.84 16.94
C VAL A 896 -27.14 14.47 18.20
N VAL A 897 -25.89 14.15 18.52
CA VAL A 897 -25.19 14.77 19.64
C VAL A 897 -24.16 15.78 19.16
N VAL A 898 -23.48 15.48 18.05
CA VAL A 898 -22.42 16.32 17.52
C VAL A 898 -22.96 17.68 17.10
N LEU A 899 -24.04 17.69 16.31
CA LEU A 899 -24.62 18.94 15.85
C LEU A 899 -25.22 19.72 17.02
N VAL A 900 -25.81 19.02 17.99
CA VAL A 900 -26.36 19.68 19.16
C VAL A 900 -25.27 20.38 19.94
N TRP A 901 -24.14 19.70 20.14
CA TRP A 901 -23.01 20.30 20.86
C TRP A 901 -22.43 21.49 20.09
N TRP A 902 -22.36 21.37 18.76
CA TRP A 902 -21.88 22.49 17.95
C TRP A 902 -22.78 23.70 18.10
N ALA A 903 -24.10 23.48 18.02
CA ALA A 903 -25.05 24.59 18.19
C ALA A 903 -24.98 25.17 19.60
N PHE A 904 -24.77 24.31 20.60
CA PHE A 904 -24.66 24.77 21.97
C PHE A 904 -23.45 25.68 22.15
N THR A 905 -22.31 25.27 21.59
CA THR A 905 -21.11 26.11 21.64
C THR A 905 -21.33 27.41 20.89
N PHE A 906 -21.99 27.34 19.73
CA PHE A 906 -22.26 28.52 18.93
C PHE A 906 -23.09 29.54 19.70
N VAL A 907 -24.18 29.07 20.33
CA VAL A 907 -25.05 29.99 21.06
C VAL A 907 -24.34 30.52 22.30
N ILE A 908 -23.53 29.70 22.96
CA ILE A 908 -22.79 30.17 24.13
C ILE A 908 -21.84 31.30 23.73
N THR A 909 -21.09 31.11 22.65
CA THR A 909 -20.13 32.15 22.26
C THR A 909 -20.84 33.38 21.71
N ALA A 910 -21.99 33.21 21.05
CA ALA A 910 -22.76 34.38 20.61
C ALA A 910 -23.23 35.19 21.80
N VAL A 911 -23.77 34.53 22.83
CA VAL A 911 -24.22 35.24 24.02
C VAL A 911 -23.05 35.90 24.73
N LEU A 912 -21.91 35.21 24.80
CA LEU A 912 -20.73 35.80 25.45
C LEU A 912 -20.27 37.05 24.73
N TYR A 913 -20.21 37.03 23.40
CA TYR A 913 -19.77 38.21 22.68
C TYR A 913 -20.81 39.34 22.75
N ILE A 914 -22.09 38.99 22.78
CA ILE A 914 -23.13 40.01 22.93
C ILE A 914 -23.00 40.70 24.28
N ASN A 915 -22.77 39.91 25.35
CA ASN A 915 -22.56 40.49 26.66
C ASN A 915 -21.30 41.37 26.68
N ILE A 916 -20.22 40.87 26.09
CA ILE A 916 -18.98 41.64 26.03
C ILE A 916 -18.09 41.13 24.90
#